data_7E7W
#
_entry.id   7E7W
#
_cell.length_a   46.567
_cell.length_b   46.554
_cell.length_c   103.254
_cell.angle_alpha   90.040
_cell.angle_beta   89.920
_cell.angle_gamma   119.980
#
_symmetry.space_group_name_H-M   'P 1'
#
_entity_poly.entity_id   1
_entity_poly.type   'polypeptide(L)'
_entity_poly.pdbx_seq_one_letter_code
;MSSVQTAATSWGTVPSIRVYTANNGKITERCWDGKGWYTGAFNEPGDNVSVTSWLVGSAIHIRVYASTGTTTTEWCWDGN
GWTKGAYTSSTVPGDQTAATSWGTVPSIRVYTANNGKITERCWDGKGWYTGAFNEPGDNVSVTSWLVGSAIHIRVYASTG
TTTTEWCWDGNGWTKGAYTSSTVPGDQTAATSWGTVPSIRVYTANNGKITERCWDGKGWYTGAFNEPGDNVSVTSWLVGS
AIHIRVYASTGTTTTEWCWDGNGWTKGAYTAT
;
_entity_poly.pdbx_strand_id   A,B,C
#
# COMPACT_ATOMS: atom_id res chain seq x y z
N SER A 3 33.78 19.44 -35.57
CA SER A 3 33.20 18.18 -35.14
C SER A 3 31.67 18.15 -35.31
N VAL A 4 31.12 16.95 -35.44
CA VAL A 4 29.67 16.76 -35.48
C VAL A 4 29.10 16.99 -34.09
N GLN A 5 27.78 17.09 -33.99
CA GLN A 5 27.13 17.33 -32.71
C GLN A 5 26.20 16.16 -32.41
N THR A 6 26.27 15.66 -31.18
CA THR A 6 25.60 14.41 -30.81
C THR A 6 24.79 14.58 -29.53
N ALA A 7 23.65 13.89 -29.48
CA ALA A 7 22.84 13.79 -28.27
C ALA A 7 22.25 12.37 -28.21
N ALA A 8 22.08 11.86 -26.99
CA ALA A 8 21.70 10.47 -26.83
C ALA A 8 20.71 10.31 -25.69
N THR A 9 19.86 9.27 -25.80
CA THR A 9 18.91 8.90 -24.77
C THR A 9 18.82 7.39 -24.70
N SER A 10 18.50 6.88 -23.51
CA SER A 10 18.35 5.45 -23.31
C SER A 10 17.16 5.20 -22.38
N TRP A 11 16.65 3.97 -22.45
CA TRP A 11 15.54 3.56 -21.61
C TRP A 11 15.52 2.04 -21.49
N GLY A 12 14.93 1.56 -20.41
CA GLY A 12 14.82 0.14 -20.16
C GLY A 12 16.11 -0.48 -19.67
N THR A 13 15.98 -1.67 -19.08
CA THR A 13 17.14 -2.40 -18.59
C THR A 13 17.80 -3.26 -19.65
N VAL A 14 17.30 -3.23 -20.90
CA VAL A 14 17.95 -3.97 -21.97
C VAL A 14 19.35 -3.46 -22.25
N PRO A 15 19.59 -2.15 -22.46
CA PRO A 15 18.65 -1.04 -22.66
C PRO A 15 18.34 -0.84 -24.13
N SER A 16 17.64 0.24 -24.46
CA SER A 16 17.54 0.71 -25.82
C SER A 16 18.07 2.13 -25.86
N ILE A 17 19.10 2.37 -26.67
CA ILE A 17 19.78 3.65 -26.74
C ILE A 17 19.51 4.29 -28.09
N ARG A 18 19.30 5.61 -28.09
CA ARG A 18 19.08 6.39 -29.30
C ARG A 18 20.08 7.52 -29.35
N VAL A 19 20.97 7.51 -30.34
CA VAL A 19 21.99 8.53 -30.50
C VAL A 19 21.69 9.32 -31.76
N TYR A 20 21.50 10.64 -31.61
CA TYR A 20 21.15 11.52 -32.71
C TYR A 20 22.35 12.38 -33.06
N THR A 21 22.85 12.22 -34.28
CA THR A 21 24.09 12.86 -34.73
C THR A 21 23.76 13.87 -35.83
N ALA A 22 24.02 15.14 -35.55
CA ALA A 22 23.79 16.24 -36.49
C ALA A 22 25.09 16.53 -37.22
N ASN A 23 25.13 16.22 -38.53
CA ASN A 23 26.29 16.49 -39.37
C ASN A 23 25.81 17.24 -40.61
N ASN A 24 26.24 18.50 -40.72
CA ASN A 24 25.98 19.32 -41.92
C ASN A 24 24.49 19.48 -42.16
N GLY A 25 23.76 19.91 -41.14
CA GLY A 25 22.37 20.27 -41.29
C GLY A 25 21.39 19.12 -41.34
N LYS A 26 21.86 17.87 -41.24
CA LYS A 26 20.96 16.71 -41.28
C LYS A 26 21.22 15.84 -40.06
N ILE A 27 20.24 15.79 -39.18
CA ILE A 27 20.32 15.00 -37.96
C ILE A 27 19.93 13.56 -38.27
N THR A 28 20.80 12.62 -37.91
CA THR A 28 20.57 11.22 -38.20
C THR A 28 20.59 10.39 -36.92
N GLU A 29 19.77 9.35 -36.91
CA GLU A 29 19.57 8.48 -35.76
C GLU A 29 20.37 7.20 -35.90
N ARG A 30 20.86 6.68 -34.78
CA ARG A 30 21.51 5.37 -34.73
C ARG A 30 20.98 4.64 -33.50
N CYS A 31 20.28 3.53 -33.72
CA CYS A 31 19.54 2.87 -32.67
C CYS A 31 20.36 1.73 -32.05
N TRP A 32 19.86 1.23 -30.92
CA TRP A 32 20.45 0.06 -30.27
C TRP A 32 19.37 -0.54 -29.38
N ASP A 33 18.66 -1.55 -29.90
CA ASP A 33 17.66 -2.29 -29.13
C ASP A 33 18.27 -3.44 -28.34
N GLY A 34 19.53 -3.31 -27.92
CA GLY A 34 20.29 -4.44 -27.46
C GLY A 34 20.71 -5.40 -28.55
N LYS A 35 20.21 -5.23 -29.77
CA LYS A 35 20.47 -6.15 -30.87
C LYS A 35 21.07 -5.34 -32.02
N GLY A 36 22.29 -4.86 -31.83
CA GLY A 36 23.05 -4.25 -32.90
C GLY A 36 22.70 -2.77 -33.10
N TRP A 37 23.68 -2.05 -33.66
CA TRP A 37 23.50 -0.66 -34.04
C TRP A 37 22.97 -0.59 -35.47
N TYR A 38 21.83 0.07 -35.65
CA TYR A 38 21.20 0.21 -36.94
C TYR A 38 20.63 1.62 -37.08
N THR A 39 20.67 2.15 -38.30
CA THR A 39 20.16 3.49 -38.56
C THR A 39 18.64 3.53 -38.31
N GLY A 40 18.17 4.67 -37.80
CA GLY A 40 16.78 4.85 -37.46
C GLY A 40 16.03 5.69 -38.48
N ALA A 41 14.71 5.72 -38.33
CA ALA A 41 13.82 6.42 -39.24
C ALA A 41 13.80 7.93 -39.02
N PHE A 42 14.63 8.46 -38.13
CA PHE A 42 14.66 9.89 -37.87
C PHE A 42 15.60 10.59 -38.84
N ASN A 43 15.09 11.61 -39.52
CA ASN A 43 15.91 12.45 -40.38
C ASN A 43 15.19 13.77 -40.57
N GLU A 44 15.79 14.85 -40.08
CA GLU A 44 15.20 16.18 -40.11
C GLU A 44 16.30 17.21 -40.29
N PRO A 45 15.98 18.40 -40.78
CA PRO A 45 17.00 19.46 -40.90
C PRO A 45 17.41 19.97 -39.53
N GLY A 46 18.70 20.24 -39.37
CA GLY A 46 19.17 20.75 -38.09
C GLY A 46 20.67 20.86 -37.90
N ASP A 47 21.11 21.97 -37.30
CA ASP A 47 22.50 22.12 -36.87
C ASP A 47 22.73 21.74 -35.42
N ASN A 48 21.71 21.83 -34.57
CA ASN A 48 21.82 21.36 -33.20
C ASN A 48 20.61 20.51 -32.82
N VAL A 49 20.86 19.52 -31.96
CA VAL A 49 19.84 18.60 -31.47
C VAL A 49 20.12 18.29 -30.01
N SER A 50 19.06 18.32 -29.20
CA SER A 50 19.06 17.76 -27.86
C SER A 50 17.87 16.83 -27.75
N VAL A 51 17.94 15.89 -26.81
CA VAL A 51 16.97 14.81 -26.74
C VAL A 51 16.59 14.55 -25.29
N THR A 52 15.37 14.05 -25.10
CA THR A 52 14.93 13.49 -23.84
C THR A 52 13.83 12.48 -24.13
N SER A 53 13.56 11.62 -23.14
CA SER A 53 12.55 10.59 -23.32
C SER A 53 12.08 10.09 -21.98
N TRP A 54 10.84 9.61 -21.96
CA TRP A 54 10.23 8.98 -20.79
C TRP A 54 9.46 7.76 -21.27
N LEU A 55 8.90 6.99 -20.35
CA LEU A 55 8.06 5.86 -20.72
C LEU A 55 6.67 6.04 -20.15
N VAL A 56 5.67 5.77 -20.99
CA VAL A 56 4.28 5.68 -20.59
C VAL A 56 3.80 4.28 -20.95
N GLY A 57 3.49 3.48 -19.94
CA GLY A 57 3.10 2.10 -20.21
C GLY A 57 4.30 1.29 -20.66
N SER A 58 4.05 0.38 -21.60
CA SER A 58 5.08 -0.50 -22.14
C SER A 58 5.72 0.06 -23.41
N ALA A 59 5.55 1.35 -23.67
CA ALA A 59 6.06 1.98 -24.88
C ALA A 59 6.99 3.15 -24.51
N ILE A 60 7.59 3.73 -25.54
CA ILE A 60 8.54 4.82 -25.37
C ILE A 60 7.95 6.09 -25.96
N HIS A 61 8.36 7.23 -25.39
CA HIS A 61 8.05 8.54 -25.94
C HIS A 61 9.34 9.34 -25.99
N ILE A 62 9.77 9.70 -27.20
CA ILE A 62 11.02 10.43 -27.42
C ILE A 62 10.69 11.83 -27.93
N ARG A 63 11.37 12.83 -27.36
CA ARG A 63 11.34 14.19 -27.88
C ARG A 63 12.73 14.55 -28.36
N VAL A 64 12.81 15.12 -29.57
CA VAL A 64 14.07 15.49 -30.19
C VAL A 64 13.94 16.92 -30.70
N TYR A 65 14.82 17.81 -30.24
CA TYR A 65 14.72 19.24 -30.49
C TYR A 65 15.79 19.68 -31.49
N ALA A 66 15.40 19.78 -32.76
CA ALA A 66 16.31 20.23 -33.80
C ALA A 66 16.33 21.75 -33.87
N SER A 67 17.50 22.32 -34.17
CA SER A 67 17.68 23.77 -34.16
C SER A 67 18.46 24.20 -35.40
N THR A 68 17.97 25.26 -36.06
CA THR A 68 18.67 25.91 -37.15
C THR A 68 18.58 27.42 -36.96
N GLY A 69 19.73 28.09 -36.88
CA GLY A 69 19.75 29.51 -36.62
C GLY A 69 19.14 29.84 -35.27
N THR A 70 17.92 30.39 -35.28
CA THR A 70 17.14 30.58 -34.05
C THR A 70 15.80 29.87 -34.13
N THR A 71 15.69 28.85 -34.99
CA THR A 71 14.47 28.08 -35.17
C THR A 71 14.66 26.71 -34.52
N THR A 72 13.79 26.36 -33.59
CA THR A 72 13.84 25.10 -32.88
C THR A 72 12.52 24.36 -33.08
N THR A 73 12.54 23.33 -33.92
CA THR A 73 11.37 22.50 -34.19
C THR A 73 11.47 21.20 -33.41
N GLU A 74 10.40 20.84 -32.73
CA GLU A 74 10.34 19.62 -31.95
C GLU A 74 9.84 18.46 -32.82
N TRP A 75 10.37 17.27 -32.56
CA TRP A 75 9.98 16.06 -33.31
C TRP A 75 9.67 14.95 -32.33
N CYS A 76 8.44 14.43 -32.39
CA CYS A 76 7.90 13.53 -31.39
C CYS A 76 7.88 12.09 -31.89
N TRP A 77 8.08 11.15 -30.97
CA TRP A 77 7.87 9.73 -31.21
C TRP A 77 7.01 9.20 -30.07
N ASP A 78 5.69 9.22 -30.26
CA ASP A 78 4.76 8.64 -29.30
C ASP A 78 4.43 7.20 -29.67
N GLY A 79 5.41 6.47 -30.18
CA GLY A 79 5.23 5.15 -30.75
C GLY A 79 4.92 5.22 -32.24
N ASN A 80 4.15 6.22 -32.65
CA ASN A 80 3.61 6.31 -34.00
C ASN A 80 4.38 7.38 -34.79
N GLY A 81 5.39 6.94 -35.53
CA GLY A 81 6.12 7.82 -36.44
C GLY A 81 6.79 9.01 -35.80
N TRP A 82 7.41 9.86 -36.62
CA TRP A 82 8.05 11.07 -36.14
C TRP A 82 7.17 12.25 -36.52
N THR A 83 6.46 12.79 -35.53
CA THR A 83 5.44 13.81 -35.73
C THR A 83 5.96 15.16 -35.28
N LYS A 84 5.56 16.21 -35.99
CA LYS A 84 5.93 17.56 -35.58
C LYS A 84 5.25 17.90 -34.24
N GLY A 85 5.97 18.65 -33.41
CA GLY A 85 5.50 19.01 -32.08
C GLY A 85 4.97 20.43 -31.99
N ALA A 86 4.53 20.77 -30.78
CA ALA A 86 3.92 22.06 -30.50
C ALA A 86 4.89 23.03 -29.82
N TYR A 87 6.19 22.77 -29.88
CA TYR A 87 7.17 23.63 -29.24
C TYR A 87 7.44 24.86 -30.10
N THR A 88 7.33 26.04 -29.48
CA THR A 88 7.82 27.28 -30.06
C THR A 88 8.84 27.91 -29.10
N SER A 89 9.58 28.88 -29.61
CA SER A 89 10.61 29.53 -28.80
C SER A 89 10.84 30.96 -29.30
N ASP A 95 21.53 28.07 -32.93
CA ASP A 95 20.96 28.04 -31.59
C ASP A 95 21.56 26.85 -30.83
N GLN A 96 21.37 26.79 -29.52
CA GLN A 96 21.90 25.66 -28.76
C GLN A 96 20.95 25.35 -27.61
N THR A 97 20.53 24.09 -27.50
CA THR A 97 19.43 23.68 -26.63
C THR A 97 19.81 22.45 -25.82
N ALA A 98 19.05 22.22 -24.74
CA ALA A 98 19.22 21.05 -23.89
C ALA A 98 17.90 20.76 -23.20
N ALA A 99 17.44 19.50 -23.28
CA ALA A 99 16.12 19.14 -22.80
C ALA A 99 16.21 18.06 -21.73
N THR A 100 15.15 17.97 -20.93
CA THR A 100 15.02 16.93 -19.91
C THR A 100 13.55 16.82 -19.51
N SER A 101 13.18 15.64 -19.03
CA SER A 101 11.80 15.33 -18.69
C SER A 101 11.74 14.61 -17.34
N TRP A 102 10.54 14.54 -16.78
CA TRP A 102 10.30 13.79 -15.55
C TRP A 102 8.80 13.58 -15.40
N GLY A 103 8.44 12.68 -14.47
CA GLY A 103 7.06 12.28 -14.35
C GLY A 103 6.67 11.42 -15.53
N THR A 104 5.36 11.30 -15.74
CA THR A 104 4.81 10.63 -16.91
C THR A 104 3.79 11.47 -17.64
N VAL A 105 3.49 12.67 -17.16
CA VAL A 105 2.58 13.57 -17.88
C VAL A 105 3.07 13.86 -19.30
N PRO A 106 4.35 14.19 -19.53
CA PRO A 106 5.45 14.44 -18.61
C PRO A 106 5.60 15.93 -18.33
N SER A 107 6.75 16.32 -17.81
CA SER A 107 7.09 17.73 -17.61
C SER A 107 8.46 17.97 -18.23
N ILE A 108 8.50 18.77 -19.29
CA ILE A 108 9.67 18.89 -20.14
C ILE A 108 10.20 20.31 -20.05
N ARG A 109 11.44 20.46 -19.61
CA ARG A 109 12.17 21.72 -19.69
C ARG A 109 13.14 21.67 -20.85
N VAL A 110 13.24 22.77 -21.58
CA VAL A 110 14.14 22.90 -22.73
C VAL A 110 14.87 24.21 -22.57
N TYR A 111 16.11 24.16 -22.08
CA TYR A 111 16.92 25.35 -21.87
C TYR A 111 17.66 25.70 -23.15
N THR A 112 17.57 26.97 -23.54
CA THR A 112 18.06 27.44 -24.84
C THR A 112 19.15 28.47 -24.62
N ALA A 113 20.40 28.07 -24.84
CA ALA A 113 21.53 28.99 -24.75
C ALA A 113 21.70 29.77 -26.06
N ASN A 114 20.65 30.50 -26.41
CA ASN A 114 20.67 31.38 -27.57
C ASN A 114 21.42 32.65 -27.20
N ASN A 115 22.61 32.83 -27.78
CA ASN A 115 23.32 34.11 -27.74
C ASN A 115 23.81 34.43 -26.33
N GLY A 116 24.25 33.40 -25.59
CA GLY A 116 24.86 33.59 -24.29
C GLY A 116 23.91 33.78 -23.13
N LYS A 117 22.62 33.94 -23.38
CA LYS A 117 21.60 33.96 -22.33
C LYS A 117 20.80 32.67 -22.43
N ILE A 118 20.90 31.84 -21.40
CA ILE A 118 20.17 30.58 -21.37
C ILE A 118 18.74 30.87 -20.92
N THR A 119 17.76 30.45 -21.72
CA THR A 119 16.36 30.67 -21.42
C THR A 119 15.60 29.35 -21.46
N GLU A 120 14.50 29.30 -20.72
CA GLU A 120 13.79 28.06 -20.45
C GLU A 120 12.40 28.09 -21.08
N ARG A 121 11.94 26.90 -21.51
CA ARG A 121 10.57 26.72 -21.98
C ARG A 121 10.02 25.45 -21.36
N CYS A 122 8.89 25.57 -20.66
CA CYS A 122 8.36 24.51 -19.80
C CYS A 122 7.09 23.91 -20.37
N TRP A 123 6.86 22.63 -20.07
CA TRP A 123 5.66 21.92 -20.51
C TRP A 123 5.12 21.12 -19.33
N ASP A 124 4.03 21.62 -18.73
CA ASP A 124 3.35 20.91 -17.65
C ASP A 124 2.26 19.98 -18.16
N GLY A 125 2.23 19.70 -19.47
CA GLY A 125 1.17 18.96 -20.09
C GLY A 125 0.11 19.83 -20.74
N LYS A 126 -0.09 21.04 -20.21
CA LYS A 126 -1.07 21.99 -20.73
C LYS A 126 -0.31 23.16 -21.36
N GLY A 127 0.25 22.91 -22.53
CA GLY A 127 0.88 23.96 -23.31
C GLY A 127 2.26 24.32 -22.82
N TRP A 128 2.95 25.11 -23.62
CA TRP A 128 4.29 25.59 -23.33
C TRP A 128 4.22 27.01 -22.79
N TYR A 129 5.11 27.32 -21.84
CA TYR A 129 5.15 28.62 -21.20
C TYR A 129 6.59 28.93 -20.80
N THR A 130 7.00 30.19 -20.96
CA THR A 130 8.37 30.56 -20.61
C THR A 130 8.59 30.41 -19.11
N GLY A 131 9.71 29.77 -18.76
CA GLY A 131 10.03 29.51 -17.36
C GLY A 131 10.86 30.62 -16.73
N ALA A 132 11.05 30.49 -15.41
CA ALA A 132 11.72 31.52 -14.63
C ALA A 132 13.22 31.57 -14.87
N PHE A 133 13.81 30.51 -15.43
CA PHE A 133 15.25 30.46 -15.59
C PHE A 133 15.74 31.48 -16.61
N ASN A 134 16.73 32.27 -16.21
CA ASN A 134 17.36 33.24 -17.11
C ASN A 134 18.76 33.55 -16.55
N GLU A 135 19.74 32.78 -17.01
CA GLU A 135 21.13 32.91 -16.59
C GLU A 135 22.04 33.00 -17.80
N PRO A 136 23.16 33.70 -17.68
CA PRO A 136 24.07 33.83 -18.83
C PRO A 136 24.86 32.56 -19.09
N GLY A 137 25.22 32.37 -20.34
CA GLY A 137 26.05 31.23 -20.69
C GLY A 137 25.91 30.84 -22.15
N ASP A 138 27.03 30.41 -22.73
CA ASP A 138 27.09 29.94 -24.11
C ASP A 138 26.68 28.49 -24.28
N ASN A 139 27.23 27.57 -23.49
CA ASN A 139 26.73 26.21 -23.57
C ASN A 139 25.97 25.81 -22.33
N VAL A 140 24.92 25.03 -22.54
CA VAL A 140 24.06 24.58 -21.46
C VAL A 140 23.89 23.06 -21.52
N SER A 141 23.88 22.41 -20.36
CA SER A 141 23.44 21.03 -20.25
C SER A 141 22.48 20.96 -19.07
N VAL A 142 21.73 19.87 -18.99
CA VAL A 142 20.71 19.76 -17.96
C VAL A 142 20.56 18.29 -17.55
N THR A 143 20.25 18.11 -16.27
CA THR A 143 19.88 16.81 -15.73
C THR A 143 18.92 17.04 -14.57
N SER A 144 18.12 16.02 -14.27
CA SER A 144 17.15 16.14 -13.20
C SER A 144 16.86 14.77 -12.60
N TRP A 145 16.14 14.78 -11.48
CA TRP A 145 15.78 13.55 -10.79
C TRP A 145 14.65 13.85 -9.80
N LEU A 146 13.84 12.84 -9.54
CA LEU A 146 12.73 12.94 -8.59
C LEU A 146 13.11 12.30 -7.26
N VAL A 147 12.62 12.91 -6.18
CA VAL A 147 12.70 12.33 -4.84
C VAL A 147 11.40 11.65 -4.44
N GLY A 148 10.37 11.76 -5.27
CA GLY A 148 9.04 11.24 -4.98
C GLY A 148 7.99 12.31 -4.93
N SER A 149 8.39 13.56 -4.71
CA SER A 149 7.50 14.72 -4.77
C SER A 149 8.24 15.86 -5.44
N ALA A 150 9.48 16.10 -5.00
CA ALA A 150 10.26 17.24 -5.49
C ALA A 150 11.12 16.82 -6.67
N ILE A 151 11.10 17.65 -7.70
CA ILE A 151 12.03 17.53 -8.82
C ILE A 151 13.26 18.36 -8.49
N HIS A 152 14.43 17.86 -8.89
CA HIS A 152 15.69 18.56 -8.70
C HIS A 152 16.41 18.65 -10.04
N ILE A 153 16.53 19.87 -10.56
CA ILE A 153 17.17 20.12 -11.85
C ILE A 153 18.54 20.74 -11.60
N ARG A 154 19.53 20.26 -12.34
CA ARG A 154 20.86 20.84 -12.35
C ARG A 154 21.15 21.35 -13.75
N VAL A 155 21.28 22.67 -13.89
CA VAL A 155 21.56 23.31 -15.18
C VAL A 155 22.98 23.84 -15.15
N TYR A 156 23.76 23.51 -16.17
CA TYR A 156 25.18 23.83 -16.20
C TYR A 156 25.46 24.86 -17.28
N ALA A 157 25.63 26.11 -16.87
CA ALA A 157 25.88 27.24 -17.76
C ALA A 157 27.37 27.53 -17.82
N SER A 158 27.89 27.72 -19.03
CA SER A 158 29.30 27.97 -19.25
C SER A 158 29.45 29.32 -19.96
N THR A 159 29.99 30.30 -19.24
CA THR A 159 30.30 31.59 -19.86
C THR A 159 31.45 31.42 -20.85
N GLY A 160 31.51 32.33 -21.82
CA GLY A 160 32.50 32.25 -22.88
C GLY A 160 33.92 32.24 -22.37
N THR A 162 34.70 28.90 -17.41
CA THR A 162 33.86 28.97 -16.23
C THR A 162 32.50 28.31 -16.48
N THR A 163 32.20 27.27 -15.71
CA THR A 163 30.91 26.61 -15.76
C THR A 163 30.22 26.76 -14.41
N THR A 164 28.98 27.22 -14.42
CA THR A 164 28.25 27.58 -13.21
C THR A 164 27.03 26.69 -13.08
N GLU A 165 27.06 25.77 -12.13
CA GLU A 165 25.89 24.95 -11.85
C GLU A 165 24.79 25.79 -11.22
N TRP A 166 23.56 25.58 -11.69
CA TRP A 166 22.39 26.24 -11.14
C TRP A 166 21.42 25.16 -10.67
N CYS A 167 20.90 25.30 -9.45
CA CYS A 167 20.18 24.25 -8.76
C CYS A 167 18.75 24.67 -8.47
N TRP A 168 17.79 23.90 -8.96
CA TRP A 168 16.38 24.04 -8.60
C TRP A 168 16.00 22.84 -7.74
N ASP A 169 15.56 23.11 -6.52
CA ASP A 169 15.22 22.07 -5.55
C ASP A 169 13.74 22.12 -5.19
N GLY A 170 12.91 22.45 -6.18
CA GLY A 170 11.49 22.66 -5.95
C GLY A 170 11.13 24.00 -5.39
N ASN A 171 12.10 24.93 -5.32
CA ASN A 171 11.88 26.22 -4.68
C ASN A 171 13.02 27.20 -4.95
N GLY A 172 12.97 27.87 -6.10
CA GLY A 172 13.93 28.92 -6.42
C GLY A 172 15.29 28.41 -6.87
N TRP A 173 15.85 29.03 -7.89
CA TRP A 173 17.18 28.66 -8.38
C TRP A 173 18.25 29.21 -7.45
N THR A 174 19.26 28.38 -7.17
CA THR A 174 20.38 28.76 -6.32
C THR A 174 21.67 28.23 -6.95
N LYS A 175 22.75 28.98 -6.77
CA LYS A 175 24.02 28.64 -7.40
C LYS A 175 24.61 27.39 -6.78
N GLY A 176 25.10 26.47 -7.62
CA GLY A 176 25.58 25.19 -7.18
C GLY A 176 27.09 25.12 -6.97
N ALA A 177 27.51 24.06 -6.30
CA ALA A 177 28.89 23.90 -5.83
C ALA A 177 29.79 23.17 -6.83
N TYR A 178 29.49 23.26 -8.12
CA TYR A 178 30.31 22.61 -9.13
C TYR A 178 31.56 23.42 -9.40
N THR A 179 32.71 22.73 -9.44
CA THR A 179 34.00 23.35 -9.71
C THR A 179 34.74 22.50 -10.75
N SER A 180 35.29 23.16 -11.77
CA SER A 180 36.00 22.44 -12.82
C SER A 180 36.85 23.42 -13.60
N SER A 181 37.82 22.87 -14.33
CA SER A 181 38.83 23.65 -15.05
C SER A 181 38.50 23.60 -16.55
N THR A 182 37.98 24.70 -17.07
CA THR A 182 37.50 24.76 -18.44
C THR A 182 38.24 25.81 -19.25
N VAL A 183 37.96 25.82 -20.55
CA VAL A 183 38.58 26.74 -21.51
C VAL A 183 37.45 27.51 -22.20
N PRO A 184 37.74 28.60 -22.92
CA PRO A 184 36.65 29.41 -23.49
C PRO A 184 35.77 28.62 -24.45
N GLY A 185 34.46 28.85 -24.34
CA GLY A 185 33.48 28.20 -25.19
C GLY A 185 33.24 26.74 -24.90
N ASP A 186 33.69 26.23 -23.76
CA ASP A 186 33.67 24.80 -23.47
C ASP A 186 32.28 24.21 -23.65
N GLN A 187 32.24 22.92 -23.97
CA GLN A 187 30.99 22.24 -24.28
C GLN A 187 30.77 21.15 -23.23
N THR A 188 29.58 21.11 -22.65
CA THR A 188 29.28 20.32 -21.46
C THR A 188 28.13 19.34 -21.69
N ALA A 189 28.20 18.22 -20.97
CA ALA A 189 27.14 17.22 -20.91
C ALA A 189 26.96 16.78 -19.47
N ALA A 190 25.85 16.10 -19.18
CA ALA A 190 25.56 15.71 -17.81
C ALA A 190 24.51 14.59 -17.79
N THR A 191 24.68 13.66 -16.87
CA THR A 191 23.69 12.63 -16.59
C THR A 191 23.66 12.36 -15.09
N SER A 192 22.60 11.68 -14.64
CA SER A 192 22.41 11.44 -13.22
C SER A 192 21.66 10.13 -13.02
N TRP A 193 21.72 9.63 -11.79
CA TRP A 193 21.02 8.42 -11.39
C TRP A 193 21.02 8.34 -9.87
N GLY A 194 20.06 7.57 -9.33
CA GLY A 194 19.98 7.33 -7.91
C GLY A 194 19.27 8.45 -7.17
N THR A 195 19.03 8.21 -5.88
CA THR A 195 18.33 9.15 -5.02
C THR A 195 19.26 10.15 -4.36
N VAL A 196 20.55 9.84 -4.25
CA VAL A 196 21.47 10.72 -3.53
C VAL A 196 21.48 12.13 -4.10
N PRO A 197 21.65 12.35 -5.41
CA PRO A 197 21.94 11.40 -6.51
C PRO A 197 23.43 11.31 -6.79
N SER A 198 23.79 10.63 -7.86
CA SER A 198 25.14 10.63 -8.39
C SER A 198 25.13 11.35 -9.73
N ILE A 199 25.98 12.37 -9.87
CA ILE A 199 25.98 13.23 -11.04
C ILE A 199 27.34 13.10 -11.73
N ARG A 200 27.31 12.96 -13.05
CA ARG A 200 28.52 12.90 -13.87
C ARG A 200 28.44 14.02 -14.91
N VAL A 201 29.30 15.02 -14.78
CA VAL A 201 29.29 16.20 -15.64
C VAL A 201 30.54 16.18 -16.49
N TYR A 202 30.36 15.98 -17.80
CA TYR A 202 31.48 15.91 -18.73
C TYR A 202 31.56 17.20 -19.54
N THR A 203 32.79 17.68 -19.73
CA THR A 203 33.05 18.95 -20.40
C THR A 203 34.14 18.75 -21.46
N ALA A 204 33.92 19.36 -22.63
CA ALA A 204 34.84 19.26 -23.75
C ALA A 204 35.67 20.55 -23.82
N ASN A 205 36.97 20.43 -23.55
CA ASN A 205 37.90 21.55 -23.53
C ASN A 205 39.04 21.29 -24.51
N ASN A 206 38.90 21.80 -25.73
CA ASN A 206 39.93 21.71 -26.76
C ASN A 206 40.40 20.26 -26.95
N GLY A 207 39.46 19.41 -27.38
CA GLY A 207 39.78 18.06 -27.78
C GLY A 207 40.10 17.08 -26.66
N LYS A 208 39.76 17.42 -25.42
CA LYS A 208 40.05 16.54 -24.28
C LYS A 208 38.88 16.63 -23.31
N ILE A 209 38.01 15.62 -23.34
CA ILE A 209 36.83 15.59 -22.48
C ILE A 209 37.23 15.02 -21.12
N THR A 210 36.81 15.71 -20.06
CA THR A 210 37.09 15.30 -18.69
C THR A 210 35.79 15.13 -17.91
N GLU A 211 35.88 14.40 -16.80
CA GLU A 211 34.72 14.10 -15.97
C GLU A 211 34.88 14.72 -14.59
N ARG A 212 33.78 15.25 -14.06
CA ARG A 212 33.71 15.71 -12.68
C ARG A 212 32.54 14.97 -12.01
N CYS A 213 32.79 14.41 -10.84
CA CYS A 213 31.86 13.48 -10.21
C CYS A 213 31.33 14.04 -8.89
N TRP A 214 30.11 13.63 -8.55
CA TRP A 214 29.48 14.01 -7.29
C TRP A 214 28.61 12.84 -6.85
N ASP A 215 29.08 12.08 -5.86
CA ASP A 215 28.29 11.00 -5.27
C ASP A 215 27.42 11.47 -4.12
N GLY A 216 27.27 12.78 -3.95
CA GLY A 216 26.50 13.33 -2.87
C GLY A 216 27.29 13.96 -1.75
N LYS A 217 28.62 13.97 -1.84
CA LYS A 217 29.47 14.42 -0.75
C LYS A 217 30.81 14.89 -1.32
N GLY A 218 30.77 16.01 -2.03
CA GLY A 218 31.99 16.63 -2.52
C GLY A 218 32.34 16.26 -3.95
N TRP A 219 32.43 17.27 -4.80
CA TRP A 219 32.82 17.04 -6.18
C TRP A 219 34.27 16.55 -6.24
N TYR A 220 34.58 15.83 -7.31
CA TYR A 220 35.90 15.27 -7.53
C TYR A 220 36.03 14.82 -8.98
N THR A 221 37.25 14.92 -9.50
CA THR A 221 37.48 14.61 -10.91
C THR A 221 37.41 13.11 -11.14
N GLY A 222 36.69 12.71 -12.20
CA GLY A 222 36.49 11.30 -12.46
C GLY A 222 37.61 10.66 -13.25
N ALA A 223 37.49 9.34 -13.42
CA ALA A 223 38.51 8.55 -14.09
C ALA A 223 38.48 8.70 -15.61
N PHE A 224 37.39 9.21 -16.18
CA PHE A 224 37.28 9.29 -17.63
C PHE A 224 38.23 10.34 -18.20
N ASN A 225 38.84 10.00 -19.33
CA ASN A 225 39.74 10.92 -20.03
C ASN A 225 39.91 10.41 -21.46
N GLU A 226 39.36 11.14 -22.42
CA GLU A 226 39.37 10.71 -23.82
C GLU A 226 39.48 11.93 -24.74
N PRO A 227 39.67 11.73 -26.05
CA PRO A 227 39.67 12.88 -26.97
C PRO A 227 38.28 13.15 -27.52
N GLY A 228 37.98 14.43 -27.74
CA GLY A 228 36.71 14.81 -28.32
C GLY A 228 36.39 16.29 -28.21
N ASP A 229 35.76 16.84 -29.25
CA ASP A 229 35.28 18.21 -29.26
C ASP A 229 33.79 18.32 -28.96
N ASN A 230 33.11 17.20 -28.77
CA ASN A 230 31.73 17.21 -28.33
C ASN A 230 31.47 15.95 -27.51
N VAL A 231 30.61 16.08 -26.50
CA VAL A 231 30.23 14.98 -25.63
C VAL A 231 28.72 14.96 -25.47
N SER A 232 28.14 13.77 -25.64
CA SER A 232 26.82 13.46 -25.13
C SER A 232 26.95 12.27 -24.20
N VAL A 233 25.95 12.07 -23.34
CA VAL A 233 26.04 11.05 -22.30
C VAL A 233 24.64 10.59 -21.92
N THR A 234 24.53 9.31 -21.57
CA THR A 234 23.29 8.76 -21.05
C THR A 234 23.63 7.58 -20.15
N SER A 235 22.69 7.23 -19.27
CA SER A 235 22.93 6.16 -18.31
C SER A 235 21.63 5.43 -18.03
N TRP A 236 21.75 4.26 -17.40
CA TRP A 236 20.59 3.49 -16.98
C TRP A 236 21.02 2.53 -15.87
N LEU A 237 20.04 2.02 -15.15
CA LEU A 237 20.29 1.17 -13.99
C LEU A 237 19.87 -0.27 -14.27
N VAL A 238 20.79 -1.20 -14.02
CA VAL A 238 20.49 -2.61 -13.97
C VAL A 238 20.65 -3.02 -12.51
N GLY A 239 19.54 -3.09 -11.79
CA GLY A 239 19.73 -3.15 -10.36
C GLY A 239 20.33 -1.85 -9.87
N SER A 240 21.01 -1.93 -8.73
CA SER A 240 21.77 -0.80 -8.21
C SER A 240 23.10 -0.61 -8.92
N ALA A 241 23.24 -1.18 -10.12
CA ALA A 241 24.44 -1.01 -10.93
C ALA A 241 24.13 -0.03 -12.06
N ILE A 242 24.93 1.03 -12.16
CA ILE A 242 24.71 2.09 -13.13
C ILE A 242 25.58 1.81 -14.35
N HIS A 243 25.02 2.07 -15.53
CA HIS A 243 25.73 1.90 -16.80
C HIS A 243 25.65 3.20 -17.58
N ILE A 244 26.79 3.83 -17.81
CA ILE A 244 26.88 5.13 -18.47
C ILE A 244 27.43 4.94 -19.88
N ARG A 245 26.95 5.74 -20.81
CA ARG A 245 27.42 5.73 -22.20
C ARG A 245 27.75 7.14 -22.63
N VAL A 246 29.02 7.40 -22.92
CA VAL A 246 29.51 8.72 -23.29
C VAL A 246 29.94 8.68 -24.76
N TYR A 247 29.51 9.69 -25.53
CA TYR A 247 29.76 9.73 -26.97
C TYR A 247 30.61 10.96 -27.30
N ALA A 248 31.88 10.72 -27.61
CA ALA A 248 32.83 11.78 -27.96
C ALA A 248 32.89 11.96 -29.46
N SER A 249 33.04 13.22 -29.90
CA SER A 249 32.93 13.57 -31.31
C SER A 249 34.10 14.44 -31.74
N THR A 250 34.72 14.09 -32.87
CA THR A 250 35.82 14.88 -33.44
C THR A 250 35.72 14.77 -34.96
N GLY A 251 35.49 15.89 -35.63
CA GLY A 251 35.20 15.88 -37.05
C GLY A 251 33.86 15.21 -37.32
N THR A 252 33.89 14.03 -37.95
CA THR A 252 32.72 13.16 -37.98
C THR A 252 32.90 11.93 -37.11
N THR A 253 34.11 11.70 -36.59
CA THR A 253 34.37 10.56 -35.73
C THR A 253 33.56 10.64 -34.45
N THR A 254 32.99 9.51 -34.03
CA THR A 254 32.22 9.44 -32.79
C THR A 254 32.47 8.08 -32.17
N THR A 255 33.38 8.04 -31.20
CA THR A 255 33.73 6.81 -30.50
C THR A 255 32.92 6.68 -29.23
N GLU A 256 32.22 5.56 -29.07
CA GLU A 256 31.47 5.28 -27.86
C GLU A 256 32.40 4.74 -26.77
N TRP A 257 32.25 5.27 -25.56
CA TRP A 257 32.97 4.78 -24.39
C TRP A 257 31.96 4.29 -23.37
N CYS A 258 32.28 3.18 -22.71
CA CYS A 258 31.32 2.49 -21.86
C CYS A 258 31.89 2.29 -20.47
N TRP A 259 31.13 2.68 -19.46
CA TRP A 259 31.37 2.31 -18.07
C TRP A 259 30.33 1.28 -17.68
N ASP A 260 30.79 0.13 -17.18
CA ASP A 260 29.92 -0.92 -16.69
C ASP A 260 30.35 -1.35 -15.30
N GLY A 261 30.70 -0.38 -14.46
CA GLY A 261 31.17 -0.66 -13.12
C GLY A 261 32.55 -1.29 -13.09
N ASN A 262 33.18 -1.43 -14.27
CA ASN A 262 34.44 -2.14 -14.42
C ASN A 262 35.33 -1.40 -15.43
N GLY A 263 35.75 -0.19 -15.07
CA GLY A 263 36.64 0.58 -15.91
C GLY A 263 36.01 1.06 -17.20
N TRP A 264 36.67 2.02 -17.86
CA TRP A 264 36.16 2.60 -19.09
C TRP A 264 36.65 1.78 -20.28
N THR A 265 35.71 1.20 -21.02
CA THR A 265 36.01 0.42 -22.21
C THR A 265 35.39 1.07 -23.43
N LYS A 266 35.92 0.71 -24.60
CA LYS A 266 35.40 1.26 -25.85
C LYS A 266 34.00 0.71 -26.11
N GLY A 267 33.30 1.36 -27.04
CA GLY A 267 31.92 1.03 -27.30
C GLY A 267 31.64 0.54 -28.71
N ALA A 268 30.46 -0.05 -28.90
CA ALA A 268 30.11 -0.71 -30.16
C ALA A 268 29.72 0.27 -31.26
N TYR A 269 29.43 1.53 -30.92
CA TYR A 269 29.03 2.48 -31.94
C TYR A 269 30.22 2.85 -32.83
N THR A 270 29.99 2.84 -34.15
CA THR A 270 31.03 3.14 -35.11
C THR A 270 31.50 4.58 -34.95
N ALA A 271 32.76 4.82 -35.30
CA ALA A 271 33.28 6.19 -35.29
C ALA A 271 32.44 7.09 -36.18
N THR A 272 32.08 6.61 -37.37
CA THR A 272 31.20 7.33 -38.29
C THR A 272 31.72 8.73 -38.62
N SER B 3 15.61 13.82 -0.53
CA SER B 3 15.28 13.37 0.83
C SER B 3 15.36 11.85 0.98
N VAL B 4 15.23 11.39 2.22
CA VAL B 4 15.26 9.96 2.49
C VAL B 4 13.83 9.42 2.45
N GLN B 5 13.70 8.12 2.20
CA GLN B 5 12.42 7.47 2.04
C GLN B 5 12.17 6.57 3.24
N THR B 6 10.97 6.66 3.82
CA THR B 6 10.62 5.92 5.03
C THR B 6 9.37 5.09 4.80
N ALA B 7 9.30 3.94 5.49
CA ALA B 7 8.14 3.04 5.45
C ALA B 7 8.06 2.33 6.79
N ALA B 8 6.94 2.48 7.48
CA ALA B 8 6.84 2.06 8.86
C ALA B 8 5.68 1.09 9.06
N THR B 9 5.74 0.38 10.18
CA THR B 9 4.71 -0.57 10.56
C THR B 9 4.63 -0.62 12.09
N SER B 10 3.47 -1.05 12.59
CA SER B 10 3.22 -1.08 14.03
C SER B 10 2.31 -2.24 14.35
N TRP B 11 2.36 -2.70 15.58
CA TRP B 11 1.56 -3.86 15.99
C TRP B 11 1.44 -3.93 17.50
N GLY B 12 0.37 -4.56 17.96
CA GLY B 12 0.24 -4.93 19.36
C GLY B 12 -0.40 -3.85 20.22
N THR B 13 -0.59 -4.21 21.49
CA THR B 13 -1.09 -3.30 22.50
C THR B 13 0.01 -2.48 23.16
N VAL B 14 1.27 -2.79 22.88
CA VAL B 14 2.40 -2.14 23.54
C VAL B 14 2.52 -0.70 23.06
N PRO B 15 2.62 -0.41 21.74
CA PRO B 15 2.79 -1.23 20.54
C PRO B 15 4.19 -1.13 19.95
N SER B 16 4.77 -2.26 19.57
CA SER B 16 6.09 -2.24 18.95
C SER B 16 5.99 -1.67 17.54
N ILE B 17 6.72 -0.58 17.28
CA ILE B 17 6.73 0.09 15.98
C ILE B 17 8.07 -0.19 15.31
N ARG B 18 8.03 -0.34 13.98
CA ARG B 18 9.23 -0.59 13.20
C ARG B 18 9.23 0.33 11.98
N VAL B 19 10.21 1.22 11.92
CA VAL B 19 10.30 2.24 10.87
C VAL B 19 11.54 1.94 10.02
N TYR B 20 11.32 1.65 8.75
CA TYR B 20 12.39 1.27 7.83
C TYR B 20 12.76 2.45 6.96
N THR B 21 13.99 2.92 7.10
CA THR B 21 14.46 4.14 6.44
C THR B 21 15.48 3.78 5.36
N ALA B 22 15.17 4.12 4.11
CA ALA B 22 16.07 3.89 2.99
C ALA B 22 16.92 5.15 2.78
N ASN B 23 18.15 5.11 3.27
CA ASN B 23 19.09 6.21 3.15
C ASN B 23 20.22 5.79 2.21
N ASN B 24 20.25 6.41 1.02
CA ASN B 24 21.37 6.26 0.09
C ASN B 24 21.58 4.79 -0.31
N GLY B 25 20.48 4.13 -0.65
CA GLY B 25 20.53 2.78 -1.17
C GLY B 25 20.57 1.68 -0.15
N LYS B 26 20.65 2.01 1.15
CA LYS B 26 20.69 1.01 2.21
C LYS B 26 19.62 1.35 3.22
N ILE B 27 18.83 0.34 3.60
CA ILE B 27 17.68 0.53 4.49
C ILE B 27 18.06 0.11 5.90
N THR B 28 17.82 1.00 6.86
CA THR B 28 18.09 0.75 8.27
C THR B 28 16.79 0.69 9.05
N GLU B 29 16.75 -0.21 10.05
CA GLU B 29 15.58 -0.42 10.88
C GLU B 29 15.72 0.33 12.19
N ARG B 30 14.71 1.13 12.53
CA ARG B 30 14.67 1.86 13.80
C ARG B 30 13.41 1.46 14.54
N CYS B 31 13.56 1.07 15.81
CA CYS B 31 12.53 0.33 16.52
C CYS B 31 12.06 1.09 17.75
N TRP B 32 10.78 0.92 18.06
CA TRP B 32 10.16 1.39 19.30
C TRP B 32 9.39 0.22 19.90
N ASP B 33 9.86 -0.29 21.04
CA ASP B 33 9.15 -1.32 21.78
C ASP B 33 8.44 -0.76 23.00
N GLY B 34 7.97 0.47 22.92
CA GLY B 34 7.52 1.18 24.10
C GLY B 34 8.62 1.53 25.08
N LYS B 35 9.89 1.19 24.76
CA LYS B 35 11.02 1.34 25.67
C LYS B 35 12.21 1.83 24.84
N GLY B 36 12.19 3.10 24.47
CA GLY B 36 13.29 3.72 23.77
C GLY B 36 13.33 3.36 22.30
N TRP B 37 14.14 4.12 21.57
CA TRP B 37 14.37 3.92 20.14
C TRP B 37 15.76 3.35 19.93
N TYR B 38 15.83 2.12 19.41
CA TYR B 38 17.09 1.43 19.20
C TYR B 38 17.19 0.99 17.75
N THR B 39 18.43 0.97 17.25
CA THR B 39 18.69 0.54 15.87
C THR B 39 18.42 -0.96 15.72
N GLY B 40 17.66 -1.32 14.68
CA GLY B 40 17.32 -2.70 14.47
C GLY B 40 18.33 -3.45 13.62
N ALA B 41 18.24 -4.79 13.67
CA ALA B 41 19.20 -5.66 13.02
C ALA B 41 19.07 -5.68 11.51
N PHE B 42 17.96 -5.20 10.95
CA PHE B 42 17.78 -5.22 9.50
C PHE B 42 18.76 -4.27 8.83
N ASN B 43 19.52 -4.78 7.87
CA ASN B 43 20.40 -3.93 7.06
C ASN B 43 20.60 -4.61 5.71
N GLU B 44 19.91 -4.12 4.69
CA GLU B 44 20.00 -4.63 3.33
C GLU B 44 20.07 -3.44 2.39
N PRO B 45 20.56 -3.64 1.17
CA PRO B 45 20.60 -2.53 0.21
C PRO B 45 19.27 -2.38 -0.51
N GLY B 46 18.87 -1.13 -0.73
CA GLY B 46 17.61 -0.81 -1.39
C GLY B 46 17.34 0.67 -1.52
N ASP B 47 16.86 1.10 -2.68
CA ASP B 47 16.50 2.50 -2.89
C ASP B 47 15.10 2.83 -2.39
N ASN B 48 14.16 1.90 -2.54
CA ASN B 48 12.80 2.06 -2.05
C ASN B 48 12.43 0.90 -1.15
N VAL B 49 11.68 1.21 -0.09
CA VAL B 49 11.25 0.22 0.90
C VAL B 49 9.77 0.41 1.17
N SER B 50 9.03 -0.69 1.20
CA SER B 50 7.67 -0.73 1.71
C SER B 50 7.56 -1.92 2.66
N VAL B 51 6.70 -1.79 3.66
CA VAL B 51 6.65 -2.77 4.74
C VAL B 51 5.21 -3.11 5.06
N THR B 52 5.00 -4.33 5.57
CA THR B 52 3.72 -4.78 6.09
C THR B 52 4.00 -5.90 7.07
N SER B 53 3.19 -5.98 8.13
CA SER B 53 3.45 -6.98 9.17
C SER B 53 2.14 -7.42 9.79
N TRP B 54 2.20 -8.54 10.51
CA TRP B 54 1.03 -9.13 11.15
C TRP B 54 1.50 -10.08 12.24
N LEU B 55 0.58 -10.46 13.11
CA LEU B 55 0.87 -11.39 14.19
C LEU B 55 0.22 -12.75 13.94
N VAL B 56 0.95 -13.82 14.26
CA VAL B 56 0.38 -15.14 14.40
C VAL B 56 0.39 -15.47 15.89
N GLY B 57 -0.66 -15.06 16.60
CA GLY B 57 -0.71 -15.20 18.04
C GLY B 57 0.05 -14.12 18.76
N SER B 58 1.19 -14.49 19.35
CA SER B 58 2.04 -13.56 20.08
C SER B 58 3.42 -13.41 19.42
N ALA B 59 3.56 -13.88 18.19
CA ALA B 59 4.80 -13.76 17.43
C ALA B 59 4.56 -12.94 16.18
N ILE B 60 5.52 -12.07 15.87
CA ILE B 60 5.37 -11.13 14.76
C ILE B 60 5.88 -11.78 13.48
N HIS B 61 5.31 -11.34 12.35
CA HIS B 61 5.76 -11.72 11.02
C HIS B 61 5.90 -10.45 10.19
N ILE B 62 7.14 -10.07 9.86
CA ILE B 62 7.43 -8.83 9.15
C ILE B 62 7.82 -9.16 7.72
N ARG B 63 7.31 -8.37 6.77
CA ARG B 63 7.71 -8.43 5.38
C ARG B 63 8.20 -7.06 4.94
N VAL B 64 9.32 -7.02 4.23
CA VAL B 64 9.94 -5.80 3.76
C VAL B 64 10.33 -5.98 2.29
N TYR B 65 10.21 -4.91 1.52
CA TYR B 65 10.44 -4.97 0.08
C TYR B 65 11.44 -3.90 -0.34
N ALA B 66 12.70 -4.31 -0.49
CA ALA B 66 13.77 -3.43 -0.94
C ALA B 66 13.84 -3.43 -2.47
N SER B 67 14.03 -2.24 -3.04
CA SER B 67 14.02 -2.07 -4.50
C SER B 67 15.18 -1.18 -4.92
N THR B 68 15.97 -1.68 -5.88
CA THR B 68 16.97 -0.90 -6.60
C THR B 68 16.79 -1.15 -8.08
N GLY B 69 16.60 -0.09 -8.86
CA GLY B 69 16.32 -0.25 -10.27
C GLY B 69 15.02 -0.98 -10.50
N THR B 70 15.08 -2.13 -11.18
CA THR B 70 13.89 -2.94 -11.43
C THR B 70 13.88 -4.23 -10.63
N THR B 71 14.76 -4.35 -9.63
CA THR B 71 14.90 -5.56 -8.83
C THR B 71 14.34 -5.30 -7.44
N THR B 72 13.39 -6.14 -7.02
CA THR B 72 12.72 -5.99 -5.72
C THR B 72 12.83 -7.31 -4.96
N THR B 73 13.76 -7.38 -4.01
CA THR B 73 13.95 -8.55 -3.17
C THR B 73 13.18 -8.35 -1.86
N GLU B 74 12.29 -9.28 -1.56
CA GLU B 74 11.56 -9.25 -0.30
C GLU B 74 12.41 -9.82 0.83
N TRP B 75 12.30 -9.23 2.01
CA TRP B 75 13.04 -9.66 3.19
C TRP B 75 12.05 -10.06 4.27
N CYS B 76 12.15 -11.30 4.75
CA CYS B 76 11.18 -11.85 5.68
C CYS B 76 11.80 -12.02 7.05
N TRP B 77 11.09 -11.56 8.08
CA TRP B 77 11.42 -11.84 9.47
C TRP B 77 10.31 -12.72 10.02
N ASP B 78 10.62 -13.97 10.34
CA ASP B 78 9.64 -14.94 10.80
C ASP B 78 9.92 -15.41 12.22
N GLY B 79 10.62 -14.61 13.01
CA GLY B 79 11.18 -15.06 14.27
C GLY B 79 12.50 -15.77 14.14
N ASN B 80 13.00 -15.95 12.92
CA ASN B 80 14.26 -16.64 12.65
C ASN B 80 15.08 -15.74 11.72
N GLY B 81 15.61 -14.65 12.30
CA GLY B 81 16.45 -13.72 11.58
C GLY B 81 15.78 -13.08 10.37
N TRP B 82 16.58 -12.53 9.47
CA TRP B 82 16.07 -11.91 8.26
C TRP B 82 16.30 -12.84 7.08
N THR B 83 15.20 -13.32 6.49
CA THR B 83 15.25 -14.36 5.47
C THR B 83 14.86 -13.80 4.12
N LYS B 84 15.68 -14.07 3.11
CA LYS B 84 15.38 -13.64 1.75
C LYS B 84 14.10 -14.30 1.25
N GLY B 85 13.17 -13.49 0.77
CA GLY B 85 11.84 -13.97 0.43
C GLY B 85 11.73 -14.53 -0.97
N ALA B 86 10.52 -14.97 -1.31
CA ALA B 86 10.23 -15.58 -2.61
C ALA B 86 9.52 -14.62 -3.55
N TYR B 87 9.78 -13.32 -3.43
CA TYR B 87 9.15 -12.34 -4.30
C TYR B 87 9.91 -12.21 -5.61
N THR B 88 9.17 -12.13 -6.72
CA THR B 88 9.74 -11.99 -8.04
C THR B 88 9.46 -10.59 -8.56
N SER B 89 10.49 -9.96 -9.12
CA SER B 89 10.34 -8.63 -9.71
C SER B 89 10.96 -8.56 -11.10
N ASP B 95 12.53 2.74 -8.54
CA ASP B 95 11.26 2.01 -8.49
C ASP B 95 10.56 2.30 -7.17
N GLN B 96 9.23 2.22 -7.18
CA GLN B 96 8.45 2.53 -5.98
C GLN B 96 7.35 1.49 -5.82
N THR B 97 7.23 0.94 -4.61
CA THR B 97 6.31 -0.17 -4.34
C THR B 97 5.44 0.15 -3.13
N ALA B 98 4.34 -0.58 -3.03
CA ALA B 98 3.41 -0.47 -1.90
C ALA B 98 2.85 -1.85 -1.61
N ALA B 99 2.94 -2.29 -0.36
CA ALA B 99 2.59 -3.64 0.01
C ALA B 99 1.62 -3.64 1.18
N THR B 100 0.84 -4.71 1.28
CA THR B 100 -0.14 -4.87 2.35
C THR B 100 -0.46 -6.35 2.51
N SER B 101 -1.13 -6.66 3.62
CA SER B 101 -1.50 -8.03 3.94
C SER B 101 -2.65 -8.01 4.94
N TRP B 102 -3.23 -9.18 5.19
CA TRP B 102 -4.33 -9.31 6.14
C TRP B 102 -4.57 -10.78 6.43
N GLY B 103 -5.11 -11.06 7.61
CA GLY B 103 -5.45 -12.41 8.01
C GLY B 103 -4.24 -13.30 8.21
N THR B 104 -4.45 -14.48 8.78
CA THR B 104 -3.37 -15.44 8.99
C THR B 104 -3.04 -16.25 7.75
N VAL B 105 -3.66 -15.93 6.60
CA VAL B 105 -3.43 -16.72 5.39
C VAL B 105 -1.96 -16.72 5.00
N PRO B 106 -1.27 -15.57 4.89
CA PRO B 106 -1.71 -14.17 4.86
C PRO B 106 -1.79 -13.66 3.42
N SER B 107 -2.96 -13.20 3.01
CA SER B 107 -3.14 -12.72 1.64
C SER B 107 -2.40 -11.40 1.48
N ILE B 108 -1.19 -11.46 0.91
CA ILE B 108 -0.29 -10.31 0.80
C ILE B 108 -0.42 -9.74 -0.61
N ARG B 109 -0.55 -8.42 -0.69
CA ARG B 109 -0.65 -7.72 -1.97
C ARG B 109 0.46 -6.69 -2.08
N VAL B 110 1.18 -6.71 -3.21
CA VAL B 110 2.26 -5.78 -3.48
C VAL B 110 1.94 -5.05 -4.78
N TYR B 111 1.97 -3.73 -4.74
CA TYR B 111 1.72 -2.89 -5.90
C TYR B 111 3.00 -2.14 -6.27
N THR B 112 3.35 -2.18 -7.55
CA THR B 112 4.61 -1.65 -8.05
C THR B 112 4.33 -0.63 -9.15
N ALA B 113 5.04 0.50 -9.09
CA ALA B 113 4.83 1.61 -10.02
C ALA B 113 6.16 1.99 -10.67
N ASN B 114 6.37 1.51 -11.90
CA ASN B 114 7.44 2.01 -12.75
C ASN B 114 6.85 2.70 -13.98
N ASN B 115 7.56 3.72 -14.45
CA ASN B 115 7.20 4.54 -15.62
C ASN B 115 5.71 4.69 -15.89
N GLY B 116 4.88 4.76 -14.84
CA GLY B 116 3.51 5.23 -14.94
C GLY B 116 2.46 4.15 -14.71
N LYS B 117 2.77 2.89 -14.98
CA LYS B 117 1.81 1.82 -14.83
C LYS B 117 2.02 1.09 -13.51
N ILE B 118 0.90 0.79 -12.84
CA ILE B 118 0.91 0.15 -11.53
C ILE B 118 0.44 -1.28 -11.71
N THR B 119 1.27 -2.23 -11.26
CA THR B 119 0.95 -3.65 -11.33
C THR B 119 0.88 -4.22 -9.92
N GLU B 120 0.27 -5.40 -9.81
CA GLU B 120 0.01 -6.03 -8.53
C GLU B 120 0.53 -7.47 -8.53
N ARG B 121 1.18 -7.87 -7.44
CA ARG B 121 1.63 -9.24 -7.25
C ARG B 121 1.03 -9.77 -5.96
N CYS B 122 0.53 -11.01 -6.00
CA CYS B 122 -0.36 -11.54 -4.98
C CYS B 122 0.22 -12.78 -4.32
N TRP B 123 -0.01 -12.90 -3.01
CA TRP B 123 0.34 -14.08 -2.24
C TRP B 123 -0.88 -14.51 -1.44
N ASP B 124 -1.22 -15.80 -1.50
CA ASP B 124 -2.34 -16.35 -0.74
C ASP B 124 -1.93 -17.56 0.07
N GLY B 125 -0.62 -17.75 0.28
CA GLY B 125 -0.09 -18.94 0.91
C GLY B 125 0.11 -20.10 -0.03
N LYS B 126 -0.13 -19.91 -1.33
CA LYS B 126 0.00 -20.96 -2.33
C LYS B 126 0.54 -20.37 -3.63
N GLY B 127 1.66 -19.66 -3.55
CA GLY B 127 2.32 -19.16 -4.73
C GLY B 127 2.22 -17.65 -4.86
N TRP B 128 3.07 -17.10 -5.71
CA TRP B 128 3.03 -15.68 -6.08
C TRP B 128 2.45 -15.56 -7.47
N TYR B 129 1.21 -15.07 -7.56
CA TYR B 129 0.51 -14.91 -8.82
C TYR B 129 0.23 -13.43 -9.07
N THR B 130 0.22 -13.05 -10.35
CA THR B 130 0.00 -11.67 -10.73
C THR B 130 -1.49 -11.36 -10.70
N GLY B 131 -1.89 -10.43 -9.84
CA GLY B 131 -3.27 -10.00 -9.80
C GLY B 131 -3.64 -9.20 -11.04
N ALA B 132 -4.93 -9.26 -11.39
CA ALA B 132 -5.40 -8.62 -12.62
C ALA B 132 -5.30 -7.10 -12.57
N PHE B 133 -4.91 -6.52 -11.43
CA PHE B 133 -4.91 -5.08 -11.26
C PHE B 133 -3.82 -4.43 -12.10
N ASN B 134 -4.22 -3.47 -12.94
CA ASN B 134 -3.28 -2.76 -13.82
C ASN B 134 -3.88 -1.38 -14.13
N GLU B 135 -3.45 -0.37 -13.40
CA GLU B 135 -3.95 0.99 -13.53
C GLU B 135 -2.79 1.98 -13.59
N PRO B 136 -3.00 3.16 -14.16
CA PRO B 136 -1.91 4.11 -14.35
C PRO B 136 -1.60 4.92 -13.09
N GLY B 137 -0.34 5.32 -12.96
CA GLY B 137 0.08 6.14 -11.85
C GLY B 137 1.58 6.23 -11.64
N ASP B 138 2.05 7.39 -11.17
CA ASP B 138 3.45 7.56 -10.82
C ASP B 138 3.77 6.97 -9.45
N ASN B 139 3.00 7.37 -8.44
CA ASN B 139 3.18 6.84 -7.09
C ASN B 139 1.93 6.07 -6.66
N VAL B 140 2.13 5.10 -5.78
CA VAL B 140 1.06 4.23 -5.31
C VAL B 140 1.17 4.05 -3.80
N SER B 141 0.02 4.04 -3.13
CA SER B 141 -0.08 3.68 -1.72
C SER B 141 -1.32 2.82 -1.55
N VAL B 142 -1.38 2.06 -0.46
CA VAL B 142 -2.38 1.02 -0.30
C VAL B 142 -2.75 0.86 1.17
N THR B 143 -3.93 0.28 1.40
CA THR B 143 -4.46 -0.04 2.72
C THR B 143 -5.59 -1.03 2.54
N SER B 144 -5.97 -1.70 3.63
CA SER B 144 -7.03 -2.70 3.58
C SER B 144 -7.51 -2.98 5.00
N TRP B 145 -8.45 -3.92 5.12
CA TRP B 145 -9.08 -4.32 6.37
C TRP B 145 -10.00 -5.50 6.08
N LEU B 146 -10.40 -6.20 7.14
CA LEU B 146 -11.32 -7.33 7.05
C LEU B 146 -12.67 -6.96 7.63
N VAL B 147 -13.73 -7.16 6.85
CA VAL B 147 -15.10 -6.94 7.29
C VAL B 147 -15.75 -8.32 7.39
N GLY B 148 -15.87 -8.82 8.62
CA GLY B 148 -16.29 -10.20 8.85
C GLY B 148 -15.27 -11.18 8.31
N SER B 149 -15.53 -11.72 7.12
CA SER B 149 -14.51 -12.43 6.34
C SER B 149 -14.29 -11.76 5.00
N ALA B 150 -14.91 -10.61 4.76
CA ALA B 150 -14.78 -9.90 3.49
C ALA B 150 -13.60 -8.94 3.52
N ILE B 151 -12.86 -8.92 2.43
CA ILE B 151 -11.69 -8.06 2.29
C ILE B 151 -12.09 -6.81 1.50
N HIS B 152 -11.48 -5.68 1.84
CA HIS B 152 -11.70 -4.42 1.14
C HIS B 152 -10.36 -3.71 1.04
N ILE B 153 -9.90 -3.46 -0.18
CA ILE B 153 -8.59 -2.89 -0.43
C ILE B 153 -8.76 -1.52 -1.09
N ARG B 154 -8.02 -0.54 -0.58
CA ARG B 154 -8.05 0.82 -1.13
C ARG B 154 -6.65 1.18 -1.61
N VAL B 155 -6.50 1.34 -2.92
CA VAL B 155 -5.22 1.69 -3.54
C VAL B 155 -5.30 3.12 -4.05
N TYR B 156 -4.26 3.90 -3.78
CA TYR B 156 -4.22 5.32 -4.13
C TYR B 156 -3.15 5.55 -5.19
N ALA B 157 -3.58 6.03 -6.36
CA ALA B 157 -2.70 6.27 -7.50
C ALA B 157 -2.72 7.76 -7.85
N SER B 158 -1.58 8.25 -8.33
CA SER B 158 -1.40 9.67 -8.63
C SER B 158 -0.59 9.81 -9.91
N THR B 159 -1.20 10.40 -10.94
CA THR B 159 -0.50 10.68 -12.19
C THR B 159 0.17 12.05 -12.13
N GLY B 160 -0.60 13.10 -11.84
CA GLY B 160 -0.09 14.46 -11.76
C GLY B 160 -1.14 15.46 -11.34
N THR B 162 -3.53 15.21 -9.20
CA THR B 162 -4.53 14.27 -9.72
C THR B 162 -4.31 12.87 -9.13
N THR B 163 -5.20 12.49 -8.19
CA THR B 163 -5.06 11.25 -7.44
C THR B 163 -6.37 10.48 -7.50
N THR B 164 -6.36 9.33 -8.18
CA THR B 164 -7.54 8.48 -8.33
C THR B 164 -7.47 7.33 -7.35
N GLU B 165 -8.58 7.10 -6.65
CA GLU B 165 -8.71 5.98 -5.73
C GLU B 165 -9.24 4.76 -6.47
N TRP B 166 -8.64 3.60 -6.21
CA TRP B 166 -9.07 2.34 -6.79
C TRP B 166 -9.51 1.41 -5.66
N CYS B 167 -10.78 1.01 -5.69
CA CYS B 167 -11.42 0.31 -4.58
C CYS B 167 -11.75 -1.11 -5.02
N TRP B 168 -11.28 -2.09 -4.24
CA TRP B 168 -11.76 -3.45 -4.37
C TRP B 168 -12.73 -3.70 -3.23
N ASP B 169 -14.01 -3.86 -3.56
CA ASP B 169 -15.03 -4.18 -2.57
C ASP B 169 -15.49 -5.62 -2.66
N GLY B 170 -14.91 -6.41 -3.56
CA GLY B 170 -15.25 -7.81 -3.68
C GLY B 170 -15.27 -8.31 -5.12
N ASN B 171 -15.55 -7.41 -6.07
CA ASN B 171 -15.81 -7.80 -7.45
C ASN B 171 -15.14 -6.82 -8.42
N GLY B 172 -13.81 -6.77 -8.37
CA GLY B 172 -13.05 -5.91 -9.26
C GLY B 172 -12.84 -4.51 -8.70
N TRP B 173 -11.95 -3.77 -9.36
CA TRP B 173 -11.58 -2.44 -8.91
C TRP B 173 -12.42 -1.39 -9.62
N THR B 174 -13.08 -0.54 -8.83
CA THR B 174 -13.86 0.57 -9.35
C THR B 174 -13.40 1.85 -8.68
N LYS B 175 -13.39 2.94 -9.45
CA LYS B 175 -12.87 4.21 -8.95
C LYS B 175 -13.83 4.83 -7.94
N GLY B 176 -13.33 5.04 -6.71
CA GLY B 176 -14.11 5.64 -5.65
C GLY B 176 -13.86 7.14 -5.51
N ALA B 177 -14.48 7.71 -4.48
CA ALA B 177 -14.47 9.15 -4.30
C ALA B 177 -13.11 9.63 -3.80
N TYR B 178 -12.59 10.69 -4.43
CA TYR B 178 -11.34 11.30 -4.02
C TYR B 178 -11.50 12.81 -3.92
N THR B 179 -10.90 13.39 -2.89
CA THR B 179 -10.85 14.84 -2.71
C THR B 179 -9.38 15.26 -2.60
N SER B 180 -8.67 15.17 -3.71
CA SER B 180 -7.27 15.59 -3.78
C SER B 180 -6.87 15.76 -5.23
N SER B 181 -6.18 16.87 -5.52
CA SER B 181 -5.64 17.13 -6.85
C SER B 181 -4.29 17.81 -6.65
N THR B 182 -3.21 17.05 -6.86
CA THR B 182 -1.85 17.49 -6.64
C THR B 182 -1.09 17.43 -7.95
N VAL B 183 -0.47 18.54 -8.35
CA VAL B 183 0.17 18.63 -9.66
C VAL B 183 1.59 18.05 -9.68
N PRO B 184 2.35 17.98 -8.58
CA PRO B 184 3.60 17.20 -8.62
C PRO B 184 3.31 15.71 -8.56
N GLY B 185 4.38 14.93 -8.74
CA GLY B 185 4.25 13.47 -8.67
C GLY B 185 3.73 12.99 -7.33
N ASP B 186 4.09 13.70 -6.26
CA ASP B 186 3.65 13.55 -4.86
C ASP B 186 3.85 12.17 -4.26
N GLN B 187 4.10 12.12 -2.96
CA GLN B 187 4.29 10.87 -2.22
C GLN B 187 3.10 10.67 -1.31
N THR B 188 2.36 9.59 -1.52
CA THR B 188 1.13 9.32 -0.79
C THR B 188 1.31 8.15 0.18
N ALA B 189 0.65 8.25 1.32
CA ALA B 189 0.59 7.19 2.31
C ALA B 189 -0.85 6.99 2.75
N ALA B 190 -1.13 5.83 3.32
CA ALA B 190 -2.50 5.50 3.71
C ALA B 190 -2.50 4.59 4.92
N THR B 191 -3.55 4.71 5.72
CA THR B 191 -3.79 3.82 6.85
C THR B 191 -5.28 3.81 7.13
N SER B 192 -5.72 2.77 7.83
CA SER B 192 -7.14 2.57 8.09
C SER B 192 -7.31 1.81 9.41
N TRP B 193 -8.56 1.70 9.85
CA TRP B 193 -8.88 0.99 11.08
C TRP B 193 -10.39 0.84 11.23
N GLY B 194 -10.79 -0.21 11.93
CA GLY B 194 -12.17 -0.42 12.29
C GLY B 194 -13.00 -1.06 11.19
N THR B 195 -14.22 -1.40 11.54
CA THR B 195 -15.22 -1.87 10.59
C THR B 195 -16.01 -0.73 9.98
N VAL B 196 -15.68 0.52 10.32
CA VAL B 196 -16.39 1.69 9.82
C VAL B 196 -16.24 1.76 8.30
N PRO B 197 -15.01 1.73 7.73
CA PRO B 197 -13.65 1.84 8.25
C PRO B 197 -13.11 3.27 8.10
N SER B 198 -12.52 3.81 9.15
CA SER B 198 -11.94 5.15 9.07
C SER B 198 -10.63 5.10 8.30
N ILE B 199 -10.45 6.06 7.40
CA ILE B 199 -9.33 6.07 6.46
C ILE B 199 -8.60 7.40 6.59
N ARG B 200 -7.27 7.34 6.55
CA ARG B 200 -6.43 8.53 6.58
C ARG B 200 -5.41 8.46 5.45
N VAL B 201 -5.32 9.54 4.66
CA VAL B 201 -4.50 9.58 3.45
C VAL B 201 -3.71 10.88 3.45
N TYR B 202 -2.41 10.79 3.17
CA TYR B 202 -1.53 11.94 3.17
C TYR B 202 -0.87 12.12 1.81
N THR B 203 -0.53 13.36 1.49
CA THR B 203 0.08 13.71 0.22
C THR B 203 1.21 14.70 0.45
N ALA B 204 2.22 14.64 -0.41
CA ALA B 204 3.37 15.53 -0.35
C ALA B 204 3.29 16.53 -1.50
N ASN B 205 3.23 17.82 -1.15
CA ASN B 205 3.20 18.89 -2.14
C ASN B 205 4.12 20.00 -1.69
N ASN B 206 5.17 20.27 -2.46
CA ASN B 206 6.07 21.39 -2.22
C ASN B 206 6.65 21.34 -0.80
N GLY B 207 6.98 20.13 -0.35
CA GLY B 207 7.51 19.95 0.98
C GLY B 207 6.51 20.22 2.09
N LYS B 208 5.23 19.97 1.84
CA LYS B 208 4.15 20.21 2.78
C LYS B 208 3.11 19.11 2.61
N ILE B 209 2.62 18.58 3.73
CA ILE B 209 1.79 17.38 3.72
C ILE B 209 0.35 17.76 4.06
N THR B 210 -0.59 17.18 3.32
CA THR B 210 -2.01 17.42 3.48
C THR B 210 -2.71 16.12 3.87
N GLU B 211 -3.41 16.14 5.02
CA GLU B 211 -4.20 15.00 5.47
C GLU B 211 -5.65 15.16 5.00
N ARG B 212 -6.19 14.09 4.43
CA ARG B 212 -7.60 14.02 4.08
C ARG B 212 -8.21 12.76 4.68
N CYS B 213 -9.43 12.89 5.18
CA CYS B 213 -9.99 11.91 6.10
C CYS B 213 -11.31 11.37 5.56
N TRP B 214 -11.59 10.12 5.87
CA TRP B 214 -12.86 9.48 5.49
C TRP B 214 -13.36 8.68 6.69
N ASP B 215 -14.46 9.13 7.29
CA ASP B 215 -15.10 8.45 8.41
C ASP B 215 -16.26 7.58 7.97
N GLY B 216 -16.38 7.29 6.67
CA GLY B 216 -17.51 6.59 6.13
C GLY B 216 -18.61 7.48 5.60
N LYS B 217 -18.54 8.80 5.86
CA LYS B 217 -19.57 9.75 5.44
C LYS B 217 -18.87 11.01 4.92
N GLY B 218 -18.30 10.92 3.72
CA GLY B 218 -17.76 12.09 3.06
C GLY B 218 -16.31 12.39 3.40
N TRP B 219 -15.47 12.50 2.37
CA TRP B 219 -14.08 12.87 2.58
C TRP B 219 -13.99 14.31 3.07
N TYR B 220 -13.12 14.53 4.06
CA TYR B 220 -12.91 15.86 4.61
C TYR B 220 -11.43 16.04 4.94
N THR B 221 -10.94 17.27 4.81
CA THR B 221 -9.54 17.57 5.01
C THR B 221 -9.21 17.58 6.50
N GLY B 222 -8.12 16.90 6.87
CA GLY B 222 -7.71 16.81 8.26
C GLY B 222 -6.86 17.98 8.70
N ALA B 223 -6.86 18.24 10.01
CA ALA B 223 -6.17 19.41 10.54
C ALA B 223 -4.66 19.27 10.43
N PHE B 224 -4.15 18.03 10.39
CA PHE B 224 -2.72 17.80 10.33
C PHE B 224 -2.13 18.42 9.08
N ASN B 225 -1.15 19.30 9.26
CA ASN B 225 -0.57 20.04 8.14
C ASN B 225 0.84 20.45 8.56
N GLU B 226 1.82 19.71 8.10
CA GLU B 226 3.22 19.88 8.46
C GLU B 226 4.08 19.81 7.20
N PRO B 227 5.36 20.19 7.29
CA PRO B 227 6.24 20.11 6.12
C PRO B 227 7.01 18.80 6.03
N GLY B 228 7.25 18.38 4.79
CA GLY B 228 7.98 17.16 4.52
C GLY B 228 7.96 16.78 3.05
N ASP B 229 9.05 16.16 2.59
CA ASP B 229 9.20 15.75 1.20
C ASP B 229 8.65 14.36 0.93
N ASN B 230 8.53 13.53 1.96
CA ASN B 230 8.09 12.15 1.80
C ASN B 230 7.45 11.70 3.11
N VAL B 231 6.32 11.01 3.01
CA VAL B 231 5.49 10.67 4.16
C VAL B 231 5.27 9.16 4.20
N SER B 232 5.26 8.62 5.42
CA SER B 232 4.82 7.26 5.69
C SER B 232 4.07 7.27 7.02
N VAL B 233 3.21 6.28 7.22
CA VAL B 233 2.30 6.28 8.36
C VAL B 233 1.99 4.85 8.77
N THR B 234 1.72 4.68 10.07
CA THR B 234 1.16 3.44 10.59
C THR B 234 0.30 3.80 11.81
N SER B 235 -0.59 2.88 12.18
CA SER B 235 -1.49 3.16 13.29
C SER B 235 -1.91 1.87 13.97
N TRP B 236 -2.20 1.98 15.26
CA TRP B 236 -2.67 0.87 16.08
C TRP B 236 -3.84 1.37 16.92
N LEU B 237 -4.77 0.48 17.21
CA LEU B 237 -5.99 0.85 17.92
C LEU B 237 -5.88 0.41 19.38
N VAL B 238 -5.96 1.39 20.28
CA VAL B 238 -5.91 1.15 21.71
C VAL B 238 -7.34 1.30 22.26
N GLY B 239 -7.88 0.22 22.79
CA GLY B 239 -9.22 0.25 23.32
C GLY B 239 -10.24 0.69 22.30
N SER B 240 -10.57 1.97 22.30
CA SER B 240 -11.51 2.52 21.33
C SER B 240 -10.98 3.77 20.65
N ALA B 241 -9.90 4.37 21.14
CA ALA B 241 -9.27 5.51 20.50
C ALA B 241 -7.99 5.04 19.82
N ILE B 242 -7.83 5.38 18.56
CA ILE B 242 -6.67 4.95 17.79
C ILE B 242 -5.57 6.00 17.90
N HIS B 243 -4.33 5.53 17.94
CA HIS B 243 -3.15 6.36 17.87
C HIS B 243 -2.48 6.18 16.51
N ILE B 244 -1.87 7.25 16.02
CA ILE B 244 -1.31 7.30 14.67
C ILE B 244 0.06 7.98 14.72
N ARG B 245 1.07 7.33 14.16
CA ARG B 245 2.38 7.94 13.98
C ARG B 245 2.59 8.25 12.50
N VAL B 246 3.02 9.47 12.20
CA VAL B 246 3.36 9.89 10.85
C VAL B 246 4.83 10.26 10.82
N TYR B 247 5.54 9.87 9.75
CA TYR B 247 6.97 10.13 9.62
C TYR B 247 7.23 10.90 8.33
N ALA B 248 7.77 12.11 8.46
CA ALA B 248 8.07 12.98 7.34
C ALA B 248 9.58 13.20 7.24
N SER B 249 10.07 13.33 6.01
CA SER B 249 11.50 13.42 5.75
C SER B 249 11.79 14.59 4.81
N THR B 250 12.80 15.38 5.14
CA THR B 250 13.29 16.47 4.29
C THR B 250 14.81 16.45 4.34
N GLY B 251 15.44 16.06 3.24
CA GLY B 251 16.88 15.88 3.21
C GLY B 251 17.30 14.63 3.96
N THR B 252 17.79 14.80 5.19
CA THR B 252 18.04 13.69 6.08
C THR B 252 17.29 13.81 7.40
N THR B 253 16.53 14.89 7.58
CA THR B 253 15.77 15.11 8.81
C THR B 253 14.47 14.30 8.75
N THR B 254 14.27 13.42 9.72
CA THR B 254 13.05 12.63 9.83
C THR B 254 12.45 12.90 11.21
N THR B 255 11.40 13.73 11.25
CA THR B 255 10.70 14.06 12.47
C THR B 255 9.37 13.32 12.50
N GLU B 256 9.14 12.55 13.55
CA GLU B 256 7.89 11.84 13.71
C GLU B 256 6.81 12.78 14.22
N TRP B 257 5.56 12.48 13.88
CA TRP B 257 4.40 13.21 14.40
C TRP B 257 3.42 12.20 14.96
N CYS B 258 2.88 12.48 16.14
CA CYS B 258 2.06 11.54 16.87
C CYS B 258 0.68 12.10 17.16
N TRP B 259 -0.33 11.25 17.01
CA TRP B 259 -1.70 11.52 17.41
C TRP B 259 -2.07 10.52 18.49
N ASP B 260 -2.30 11.01 19.71
CA ASP B 260 -2.71 10.17 20.83
C ASP B 260 -4.19 10.32 21.14
N GLY B 261 -5.00 10.59 20.12
CA GLY B 261 -6.40 10.90 20.32
C GLY B 261 -6.65 12.31 20.81
N ASN B 262 -5.64 13.16 20.83
CA ASN B 262 -5.74 14.47 21.45
C ASN B 262 -4.71 15.42 20.83
N GLY B 263 -4.76 15.57 19.51
CA GLY B 263 -3.88 16.49 18.82
C GLY B 263 -2.56 15.87 18.39
N TRP B 264 -1.68 16.72 17.88
CA TRP B 264 -0.36 16.30 17.41
C TRP B 264 0.72 16.80 18.35
N THR B 265 1.81 16.03 18.41
CA THR B 265 2.92 16.29 19.32
C THR B 265 4.24 16.11 18.58
N LYS B 266 5.33 16.31 19.31
CA LYS B 266 6.65 16.05 18.75
C LYS B 266 6.88 14.54 18.65
N GLY B 267 7.80 14.17 17.77
CA GLY B 267 8.08 12.75 17.53
C GLY B 267 9.06 12.19 18.54
N ALA B 268 8.69 11.05 19.13
CA ALA B 268 9.62 10.34 20.01
C ALA B 268 10.83 9.82 19.26
N TYR B 269 10.67 9.55 17.97
CA TYR B 269 11.78 9.14 17.12
C TYR B 269 12.65 10.34 16.77
N THR B 270 13.96 10.14 16.81
CA THR B 270 14.93 11.18 16.49
C THR B 270 15.56 10.88 15.13
N ALA B 271 15.67 11.92 14.29
CA ALA B 271 16.36 11.75 13.02
C ALA B 271 17.78 11.26 13.24
N THR B 272 18.59 12.08 13.93
CA THR B 272 19.96 11.75 14.33
C THR B 272 20.75 10.94 13.31
N SER C 3 -10.39 -4.83 16.78
CA SER C 3 -11.74 -5.31 16.51
C SER C 3 -11.77 -6.83 16.53
N VAL C 4 -11.40 -7.41 17.67
CA VAL C 4 -11.32 -8.87 17.78
C VAL C 4 -12.72 -9.48 17.80
N GLN C 5 -12.79 -10.73 17.36
CA GLN C 5 -14.05 -11.45 17.19
C GLN C 5 -14.16 -12.53 18.25
N THR C 6 -15.32 -12.60 18.91
CA THR C 6 -15.55 -13.54 20.00
C THR C 6 -16.88 -14.27 19.81
N ALA C 7 -16.97 -15.46 20.40
CA ALA C 7 -18.19 -16.25 20.39
C ALA C 7 -18.33 -16.93 21.75
N ALA C 8 -19.52 -16.84 22.34
CA ALA C 8 -19.76 -17.36 23.67
C ALA C 8 -20.97 -18.27 23.66
N THR C 9 -21.14 -19.01 24.76
CA THR C 9 -22.26 -19.93 24.92
C THR C 9 -22.38 -20.30 26.39
N SER C 10 -23.54 -20.84 26.76
CA SER C 10 -23.85 -21.14 28.15
C SER C 10 -24.72 -22.39 28.22
N TRP C 11 -24.80 -22.96 29.43
CA TRP C 11 -25.60 -24.16 29.65
C TRP C 11 -25.84 -24.30 31.15
N GLY C 12 -26.94 -24.96 31.49
CA GLY C 12 -27.34 -25.14 32.87
C GLY C 12 -27.94 -23.88 33.47
N THR C 13 -28.68 -24.08 34.57
CA THR C 13 -29.28 -22.95 35.25
C THR C 13 -28.30 -22.26 36.17
N VAL C 14 -27.56 -23.02 36.96
CA VAL C 14 -26.30 -22.51 37.50
C VAL C 14 -25.41 -22.35 36.27
N PRO C 15 -25.25 -21.13 35.76
CA PRO C 15 -24.84 -20.95 34.36
C PRO C 15 -23.34 -21.09 34.12
N SER C 16 -22.93 -22.25 33.62
CA SER C 16 -21.56 -22.42 33.17
C SER C 16 -21.42 -21.83 31.77
N ILE C 17 -20.54 -20.85 31.63
CA ILE C 17 -20.44 -20.03 30.43
C ILE C 17 -19.03 -20.12 29.88
N ARG C 18 -18.92 -20.28 28.56
CA ARG C 18 -17.64 -20.28 27.88
C ARG C 18 -17.61 -19.16 26.83
N VAL C 19 -16.43 -18.57 26.65
CA VAL C 19 -16.25 -17.44 25.74
C VAL C 19 -14.98 -17.67 24.94
N TYR C 20 -15.11 -17.81 23.62
CA TYR C 20 -14.01 -18.13 22.74
C TYR C 20 -13.59 -16.88 21.97
N THR C 21 -12.32 -16.50 22.09
CA THR C 21 -11.80 -15.23 21.60
C THR C 21 -10.64 -15.47 20.64
N ALA C 22 -10.77 -14.97 19.42
CA ALA C 22 -9.74 -15.10 18.41
C ALA C 22 -8.93 -13.81 18.36
N ASN C 23 -7.67 -13.88 18.81
CA ASN C 23 -6.75 -12.75 18.78
C ASN C 23 -5.59 -13.08 17.85
N ASN C 24 -5.50 -12.34 16.74
CA ASN C 24 -4.49 -12.60 15.70
C ASN C 24 -4.49 -14.07 15.30
N GLY C 25 -5.67 -14.56 14.95
CA GLY C 25 -5.81 -15.87 14.36
C GLY C 25 -5.59 -17.04 15.27
N LYS C 26 -5.51 -16.83 16.58
CA LYS C 26 -5.45 -17.92 17.54
C LYS C 26 -6.51 -17.69 18.60
N ILE C 27 -7.25 -18.74 18.93
CA ILE C 27 -8.46 -18.66 19.74
C ILE C 27 -8.11 -19.02 21.18
N THR C 28 -8.65 -18.24 22.13
CA THR C 28 -8.43 -18.47 23.55
C THR C 28 -9.78 -18.53 24.27
N GLU C 29 -9.88 -19.48 25.20
CA GLU C 29 -11.11 -19.71 25.96
C GLU C 29 -11.07 -18.95 27.29
N ARG C 30 -12.26 -18.56 27.75
CA ARG C 30 -12.44 -17.95 29.06
C ARG C 30 -13.71 -18.53 29.66
N CYS C 31 -13.61 -19.08 30.87
CA CYS C 31 -14.62 -19.97 31.42
C CYS C 31 -15.22 -19.38 32.69
N TRP C 32 -16.53 -19.58 32.87
CA TRP C 32 -17.24 -19.14 34.06
C TRP C 32 -18.10 -20.30 34.56
N ASP C 33 -17.70 -20.90 35.68
CA ASP C 33 -18.48 -21.94 36.33
C ASP C 33 -19.24 -21.40 37.54
N GLY C 34 -19.43 -20.08 37.60
CA GLY C 34 -19.99 -19.45 38.77
C GLY C 34 -19.02 -19.20 39.90
N LYS C 35 -17.74 -19.59 39.73
CA LYS C 35 -16.74 -19.44 40.78
C LYS C 35 -15.38 -19.15 40.13
N GLY C 36 -15.26 -17.98 39.52
CA GLY C 36 -14.01 -17.54 38.95
C GLY C 36 -14.07 -17.48 37.43
N TRP C 37 -13.47 -16.44 36.86
CA TRP C 37 -13.22 -16.37 35.43
C TRP C 37 -11.78 -16.84 35.21
N TYR C 38 -11.62 -18.14 34.92
CA TYR C 38 -10.33 -18.78 34.74
C TYR C 38 -10.13 -19.12 33.28
N THR C 39 -8.89 -19.06 32.82
CA THR C 39 -8.58 -19.38 31.43
C THR C 39 -8.76 -20.87 31.18
N GLY C 40 -9.51 -21.22 30.14
CA GLY C 40 -9.82 -22.61 29.86
C GLY C 40 -8.75 -23.30 29.05
N ALA C 41 -8.85 -24.64 29.00
CA ALA C 41 -7.77 -25.45 28.45
C ALA C 41 -7.64 -25.27 26.95
N PHE C 42 -8.71 -24.87 26.28
CA PHE C 42 -8.71 -24.76 24.82
C PHE C 42 -7.73 -23.69 24.36
N ASN C 43 -7.01 -23.99 23.28
CA ASN C 43 -6.03 -23.05 22.75
C ASN C 43 -5.63 -23.41 21.32
N GLU C 44 -6.62 -23.67 20.45
CA GLU C 44 -6.42 -23.93 19.03
C GLU C 44 -6.40 -22.62 18.25
N PRO C 45 -5.89 -22.61 17.01
CA PRO C 45 -5.82 -21.34 16.27
C PRO C 45 -6.92 -21.14 15.23
N GLY C 46 -7.17 -19.89 14.88
CA GLY C 46 -8.17 -19.55 13.88
C GLY C 46 -8.47 -18.07 13.81
N ASP C 47 -8.55 -17.52 12.59
CA ASP C 47 -8.79 -16.10 12.42
C ASP C 47 -10.23 -15.70 12.70
N ASN C 48 -11.15 -16.66 12.83
CA ASN C 48 -12.56 -16.34 13.02
C ASN C 48 -13.33 -17.57 13.50
N VAL C 49 -14.12 -17.40 14.56
CA VAL C 49 -14.65 -18.53 15.34
C VAL C 49 -16.16 -18.42 15.48
N SER C 50 -16.78 -19.55 15.79
CA SER C 50 -18.16 -19.63 16.25
C SER C 50 -18.30 -20.89 17.08
N VAL C 51 -19.30 -20.90 17.97
CA VAL C 51 -19.43 -21.95 18.97
C VAL C 51 -20.89 -22.32 19.15
N THR C 52 -21.11 -23.58 19.57
CA THR C 52 -22.43 -24.08 19.94
C THR C 52 -22.24 -25.24 20.92
N SER C 53 -23.25 -25.46 21.77
CA SER C 53 -23.17 -26.50 22.79
C SER C 53 -24.56 -27.07 23.04
N TRP C 54 -24.60 -28.10 23.88
CA TRP C 54 -25.84 -28.78 24.24
C TRP C 54 -25.56 -29.64 25.48
N LEU C 55 -26.63 -30.16 26.07
CA LEU C 55 -26.53 -31.00 27.25
C LEU C 55 -27.18 -32.34 26.97
N VAL C 56 -26.49 -33.42 27.34
CA VAL C 56 -27.01 -34.78 27.24
C VAL C 56 -26.94 -35.39 28.63
N GLY C 57 -28.11 -35.56 29.26
CA GLY C 57 -28.17 -36.05 30.62
C GLY C 57 -27.37 -35.18 31.57
N SER C 58 -26.22 -35.68 32.01
CA SER C 58 -25.26 -34.87 32.75
C SER C 58 -24.07 -34.46 31.90
N ALA C 59 -23.91 -35.06 30.72
CA ALA C 59 -22.73 -34.83 29.90
C ALA C 59 -22.84 -33.52 29.12
N ILE C 60 -21.76 -32.76 29.13
CA ILE C 60 -21.65 -31.56 28.32
C ILE C 60 -20.95 -31.91 27.02
N HIS C 61 -21.44 -31.36 25.91
CA HIS C 61 -20.80 -31.50 24.62
C HIS C 61 -20.83 -30.16 23.90
N ILE C 62 -19.68 -29.76 23.34
CA ILE C 62 -19.49 -28.46 22.73
C ILE C 62 -18.87 -28.67 21.36
N ARG C 63 -19.22 -27.78 20.42
CA ARG C 63 -18.65 -27.80 19.08
C ARG C 63 -18.14 -26.41 18.72
N VAL C 64 -16.82 -26.29 18.56
CA VAL C 64 -16.16 -25.02 18.26
C VAL C 64 -15.60 -25.12 16.85
N TYR C 65 -15.78 -24.06 16.06
CA TYR C 65 -15.40 -24.05 14.65
C TYR C 65 -14.37 -22.95 14.40
N ALA C 66 -13.16 -23.36 14.06
CA ALA C 66 -12.05 -22.48 13.76
C ALA C 66 -11.80 -22.44 12.25
N SER C 67 -11.57 -21.24 11.72
CA SER C 67 -11.32 -21.03 10.30
C SER C 67 -10.01 -20.29 10.10
N THR C 68 -9.34 -20.60 8.99
CA THR C 68 -8.15 -19.87 8.53
C THR C 68 -8.25 -19.78 7.01
N GLY C 69 -8.63 -18.60 6.51
CA GLY C 69 -8.81 -18.42 5.08
C GLY C 69 -10.07 -19.08 4.55
N THR C 70 -9.92 -20.25 3.91
CA THR C 70 -11.06 -21.04 3.46
C THR C 70 -11.07 -22.43 4.08
N THR C 71 -10.24 -22.67 5.09
CA THR C 71 -10.19 -23.94 5.81
C THR C 71 -10.85 -23.78 7.16
N THR C 72 -11.84 -24.63 7.45
CA THR C 72 -12.59 -24.58 8.69
C THR C 72 -12.52 -25.93 9.39
N THR C 73 -12.11 -25.92 10.65
CA THR C 73 -11.88 -27.15 11.42
C THR C 73 -12.79 -27.16 12.63
N GLU C 74 -13.63 -28.18 12.74
CA GLU C 74 -14.42 -28.40 13.93
C GLU C 74 -13.51 -28.83 15.09
N TRP C 75 -13.90 -28.45 16.30
CA TRP C 75 -13.16 -28.83 17.51
C TRP C 75 -14.18 -29.17 18.58
N CYS C 76 -13.99 -30.31 19.24
CA CYS C 76 -15.03 -30.93 20.05
C CYS C 76 -14.61 -31.09 21.50
N TRP C 77 -15.43 -30.54 22.42
CA TRP C 77 -15.38 -30.88 23.84
C TRP C 77 -16.49 -31.91 24.07
N ASP C 78 -16.16 -33.20 24.05
CA ASP C 78 -17.11 -34.23 24.41
C ASP C 78 -16.99 -34.63 25.87
N GLY C 79 -16.39 -33.78 26.70
CA GLY C 79 -16.16 -34.07 28.10
C GLY C 79 -14.90 -34.84 28.39
N ASN C 80 -14.09 -35.14 27.38
CA ASN C 80 -12.92 -35.98 27.57
C ASN C 80 -11.81 -35.56 26.60
N GLY C 81 -11.50 -34.27 26.57
CA GLY C 81 -10.44 -33.74 25.75
C GLY C 81 -10.99 -32.95 24.57
N TRP C 82 -10.05 -32.35 23.84
CA TRP C 82 -10.38 -31.58 22.63
C TRP C 82 -10.05 -32.42 21.40
N THR C 83 -10.97 -33.34 21.09
CA THR C 83 -10.84 -34.16 19.89
C THR C 83 -11.16 -33.34 18.65
N LYS C 84 -10.50 -33.69 17.54
CA LYS C 84 -10.70 -32.98 16.28
C LYS C 84 -12.02 -33.39 15.65
N GLY C 85 -12.88 -32.41 15.39
CA GLY C 85 -14.19 -32.67 14.83
C GLY C 85 -14.12 -33.18 13.40
N ALA C 86 -15.26 -33.72 12.95
CA ALA C 86 -15.35 -34.42 11.67
C ALA C 86 -16.01 -33.57 10.59
N TYR C 87 -15.90 -32.24 10.69
CA TYR C 87 -16.57 -31.34 9.76
C TYR C 87 -15.71 -31.11 8.52
N THR C 88 -16.34 -31.17 7.35
CA THR C 88 -15.67 -30.97 6.08
C THR C 88 -16.20 -29.70 5.43
N SER C 89 -15.30 -28.83 4.99
CA SER C 89 -15.68 -27.58 4.35
C SER C 89 -14.53 -26.96 3.55
N ASP C 95 -12.81 -17.19 6.23
CA ASP C 95 -14.24 -17.46 6.41
C ASP C 95 -14.75 -16.89 7.74
N GLN C 96 -16.04 -16.56 7.74
CA GLN C 96 -16.78 -16.24 8.95
C GLN C 96 -17.81 -17.34 9.16
N THR C 97 -17.85 -17.89 10.37
CA THR C 97 -18.69 -19.04 10.66
C THR C 97 -19.73 -18.69 11.72
N ALA C 98 -20.85 -19.41 11.65
CA ALA C 98 -21.86 -19.39 12.70
C ALA C 98 -22.39 -20.80 12.86
N ALA C 99 -23.02 -21.06 14.00
CA ALA C 99 -23.49 -22.41 14.29
C ALA C 99 -24.59 -22.35 15.33
N THR C 100 -25.49 -23.33 15.27
CA THR C 100 -26.52 -23.51 16.28
C THR C 100 -26.83 -25.00 16.40
N SER C 101 -27.54 -25.36 17.46
CA SER C 101 -27.78 -26.77 17.74
C SER C 101 -29.05 -26.90 18.58
N TRP C 102 -29.58 -28.13 18.60
CA TRP C 102 -30.81 -28.42 19.31
C TRP C 102 -30.97 -29.93 19.45
N GLY C 103 -31.67 -30.33 20.51
CA GLY C 103 -32.11 -31.70 20.68
C GLY C 103 -30.99 -32.65 21.08
N THR C 104 -31.40 -33.89 21.33
CA THR C 104 -30.50 -34.97 21.73
C THR C 104 -29.97 -35.75 20.53
N VAL C 105 -30.28 -35.33 19.31
CA VAL C 105 -29.81 -36.06 18.13
C VAL C 105 -28.29 -36.12 18.07
N PRO C 106 -27.54 -35.01 18.19
CA PRO C 106 -27.90 -33.59 18.23
C PRO C 106 -27.74 -32.90 16.88
N SER C 107 -28.85 -32.43 16.31
CA SER C 107 -28.84 -31.85 14.99
C SER C 107 -28.22 -30.46 15.02
N ILE C 108 -27.24 -30.24 14.15
CA ILE C 108 -26.42 -29.03 14.14
C ILE C 108 -26.59 -28.32 12.81
N ARG C 109 -26.61 -26.99 12.85
CA ARG C 109 -26.68 -26.16 11.64
C ARG C 109 -25.52 -25.16 11.67
N VAL C 110 -24.54 -25.39 10.80
CA VAL C 110 -23.35 -24.55 10.68
C VAL C 110 -23.47 -23.70 9.42
N TYR C 111 -23.29 -22.39 9.57
CA TYR C 111 -23.40 -21.45 8.46
C TYR C 111 -22.07 -20.74 8.23
N THR C 112 -21.63 -20.70 6.98
CA THR C 112 -20.36 -20.12 6.59
C THR C 112 -20.60 -19.01 5.59
N ALA C 113 -19.90 -17.90 5.76
CA ALA C 113 -20.01 -16.74 4.88
C ALA C 113 -18.74 -16.63 4.05
N ASN C 114 -18.87 -16.79 2.73
CA ASN C 114 -17.74 -16.78 1.81
C ASN C 114 -18.10 -15.95 0.59
N ASN C 115 -17.35 -14.88 0.36
CA ASN C 115 -17.54 -14.01 -0.80
C ASN C 115 -18.98 -13.52 -0.88
N GLY C 116 -19.51 -13.09 0.26
CA GLY C 116 -20.85 -12.53 0.30
C GLY C 116 -21.96 -13.49 -0.08
N LYS C 117 -21.76 -14.78 0.15
CA LYS C 117 -22.77 -15.79 -0.14
C LYS C 117 -22.68 -16.88 0.90
N ILE C 118 -23.75 -17.07 1.67
CA ILE C 118 -23.74 -17.94 2.85
C ILE C 118 -24.16 -19.35 2.46
N THR C 119 -23.47 -20.33 3.04
CA THR C 119 -23.77 -21.74 2.85
C THR C 119 -24.10 -22.39 4.19
N GLU C 120 -24.86 -23.48 4.14
CA GLU C 120 -25.26 -24.21 5.34
C GLU C 120 -24.78 -25.65 5.24
N ARG C 121 -24.08 -26.11 6.28
CA ARG C 121 -23.61 -27.49 6.36
C ARG C 121 -24.25 -28.13 7.59
N CYS C 122 -24.93 -29.26 7.38
CA CYS C 122 -25.80 -29.85 8.37
C CYS C 122 -25.24 -31.16 8.90
N TRP C 123 -25.49 -31.42 10.17
CA TRP C 123 -25.18 -32.71 10.79
C TRP C 123 -26.41 -33.18 11.55
N ASP C 124 -26.88 -34.38 11.23
CA ASP C 124 -28.06 -34.96 11.87
C ASP C 124 -27.71 -36.24 12.63
N GLY C 125 -26.46 -36.41 13.01
CA GLY C 125 -25.99 -37.66 13.56
C GLY C 125 -25.64 -38.71 12.54
N LYS C 126 -25.82 -38.43 11.25
CA LYS C 126 -25.64 -39.41 10.17
C LYS C 126 -24.77 -38.82 9.06
N GLY C 127 -23.67 -38.18 9.43
CA GLY C 127 -22.76 -37.65 8.43
C GLY C 127 -23.12 -36.27 7.92
N TRP C 128 -22.12 -35.40 7.81
CA TRP C 128 -22.36 -34.03 7.39
C TRP C 128 -22.93 -33.98 5.99
N TYR C 129 -24.08 -33.32 5.84
CA TYR C 129 -24.73 -33.17 4.55
C TYR C 129 -24.99 -31.69 4.28
N THR C 130 -24.79 -31.27 3.03
CA THR C 130 -24.94 -29.87 2.68
C THR C 130 -26.41 -29.47 2.72
N GLY C 131 -26.69 -28.33 3.35
CA GLY C 131 -28.07 -27.87 3.48
C GLY C 131 -28.54 -27.13 2.24
N ALA C 132 -29.85 -27.21 2.00
CA ALA C 132 -30.44 -26.60 0.81
C ALA C 132 -30.43 -25.08 0.85
N PHE C 133 -30.28 -24.49 2.05
CA PHE C 133 -30.40 -23.05 2.23
C PHE C 133 -29.17 -22.34 1.64
N ASN C 134 -29.39 -21.54 0.60
CA ASN C 134 -28.32 -20.82 -0.09
C ASN C 134 -28.77 -19.37 -0.28
N GLU C 135 -28.07 -18.44 0.37
CA GLU C 135 -28.39 -17.02 0.23
C GLU C 135 -27.11 -16.19 0.28
N PRO C 136 -27.16 -14.88 -0.03
CA PRO C 136 -25.95 -14.06 0.06
C PRO C 136 -25.86 -13.21 1.32
N GLY C 137 -24.66 -13.12 1.88
CA GLY C 137 -24.41 -12.32 3.07
C GLY C 137 -22.95 -12.31 3.50
N ASP C 138 -22.49 -11.19 4.03
CA ASP C 138 -21.11 -11.06 4.50
C ASP C 138 -20.92 -11.50 5.94
N ASN C 139 -21.98 -11.50 6.74
CA ASN C 139 -21.93 -12.02 8.09
C ASN C 139 -23.17 -12.87 8.33
N VAL C 140 -23.05 -13.83 9.23
CA VAL C 140 -24.16 -14.71 9.60
C VAL C 140 -24.21 -14.85 11.11
N SER C 141 -25.36 -14.50 11.70
CA SER C 141 -25.70 -14.81 13.08
C SER C 141 -26.98 -15.63 13.07
N VAL C 142 -27.05 -16.63 13.95
CA VAL C 142 -28.08 -17.65 13.88
C VAL C 142 -28.63 -17.93 15.27
N THR C 143 -29.87 -18.42 15.30
CA THR C 143 -30.49 -18.84 16.54
C THR C 143 -31.63 -19.81 16.21
N SER C 144 -32.04 -20.57 17.22
CA SER C 144 -33.08 -21.56 17.04
C SER C 144 -33.77 -21.83 18.37
N TRP C 145 -34.84 -22.62 18.31
CA TRP C 145 -35.63 -22.98 19.48
C TRP C 145 -36.54 -24.14 19.10
N LEU C 146 -36.92 -24.93 20.10
CA LEU C 146 -37.79 -26.09 19.90
C LEU C 146 -39.23 -25.70 20.26
N VAL C 147 -40.07 -25.59 19.24
CA VAL C 147 -41.52 -25.53 19.43
C VAL C 147 -42.02 -26.96 19.28
N GLY C 148 -42.20 -27.63 20.41
CA GLY C 148 -42.47 -29.06 20.34
C GLY C 148 -41.34 -29.78 19.63
N SER C 149 -41.70 -30.81 18.86
CA SER C 149 -40.74 -31.55 18.07
C SER C 149 -40.29 -30.80 16.82
N ALA C 150 -40.79 -29.59 16.60
CA ALA C 150 -40.46 -28.80 15.42
C ALA C 150 -39.41 -27.75 15.80
N ILE C 151 -38.25 -27.85 15.17
CA ILE C 151 -37.20 -26.85 15.34
C ILE C 151 -37.47 -25.68 14.41
N HIS C 152 -37.31 -24.46 14.93
CA HIS C 152 -37.47 -23.24 14.16
C HIS C 152 -36.18 -22.46 14.19
N ILE C 153 -35.65 -22.13 13.01
CA ILE C 153 -34.31 -21.60 12.85
C ILE C 153 -34.42 -20.22 12.22
N ARG C 154 -33.69 -19.25 12.78
CA ARG C 154 -33.66 -17.89 12.26
C ARG C 154 -32.22 -17.49 11.97
N VAL C 155 -31.93 -17.19 10.71
CA VAL C 155 -30.59 -16.84 10.24
C VAL C 155 -30.61 -15.39 9.80
N TYR C 156 -29.67 -14.59 10.32
CA TYR C 156 -29.58 -13.17 10.02
C TYR C 156 -28.32 -12.88 9.22
N ALA C 157 -28.50 -12.38 8.00
CA ALA C 157 -27.41 -12.08 7.08
C ALA C 157 -27.28 -10.57 6.90
N SER C 158 -26.07 -10.07 7.09
CA SER C 158 -25.75 -8.66 6.93
C SER C 158 -24.87 -8.46 5.70
N THR C 159 -25.27 -7.56 4.82
CA THR C 159 -24.48 -7.24 3.64
C THR C 159 -23.57 -6.05 3.90
N GLY C 160 -22.51 -5.95 3.10
CA GLY C 160 -21.46 -4.96 3.31
C GLY C 160 -21.91 -3.52 3.44
N THR C 162 -26.64 -4.27 4.25
CA THR C 162 -27.90 -4.34 4.99
C THR C 162 -28.15 -5.73 5.56
N THR C 163 -29.08 -5.83 6.51
CA THR C 163 -29.34 -7.07 7.23
C THR C 163 -30.80 -7.47 7.04
N THR C 164 -31.02 -8.59 6.34
CA THR C 164 -32.35 -9.14 6.15
C THR C 164 -32.46 -10.46 6.89
N GLU C 165 -33.67 -10.73 7.39
CA GLU C 165 -33.93 -11.93 8.19
C GLU C 165 -34.48 -13.06 7.32
N TRP C 166 -34.28 -14.28 7.81
CA TRP C 166 -34.67 -15.49 7.10
C TRP C 166 -35.20 -16.50 8.12
N CYS C 167 -36.33 -17.13 7.80
CA CYS C 167 -37.10 -17.87 8.79
C CYS C 167 -37.35 -19.29 8.33
N TRP C 168 -36.95 -20.26 9.14
CA TRP C 168 -37.35 -21.65 8.96
C TRP C 168 -38.61 -21.90 9.77
N ASP C 169 -39.63 -22.46 9.11
CA ASP C 169 -40.86 -22.85 9.78
C ASP C 169 -41.16 -24.34 9.62
N GLY C 170 -40.13 -25.16 9.40
CA GLY C 170 -40.33 -26.55 9.09
C GLY C 170 -40.80 -26.83 7.69
N ASN C 171 -41.06 -25.78 6.88
CA ASN C 171 -41.61 -25.94 5.54
C ASN C 171 -41.20 -24.71 4.73
N GLY C 172 -40.05 -24.81 4.06
CA GLY C 172 -39.58 -23.75 3.20
C GLY C 172 -38.86 -22.64 3.94
N TRP C 173 -37.87 -22.05 3.29
CA TRP C 173 -37.15 -20.90 3.85
C TRP C 173 -37.85 -19.62 3.41
N THR C 174 -38.37 -18.88 4.38
CA THR C 174 -39.12 -17.65 4.12
C THR C 174 -38.30 -16.43 4.50
N LYS C 175 -38.64 -15.30 3.88
CA LYS C 175 -38.00 -14.04 4.27
C LYS C 175 -38.50 -13.59 5.64
N GLY C 176 -37.67 -12.79 6.30
CA GLY C 176 -37.91 -12.39 7.67
C GLY C 176 -38.40 -10.96 7.81
N ALA C 177 -39.11 -10.72 8.91
CA ALA C 177 -39.71 -9.42 9.19
C ALA C 177 -38.80 -8.49 9.98
N TYR C 178 -37.49 -8.71 9.94
CA TYR C 178 -36.55 -7.88 10.68
C TYR C 178 -36.34 -6.57 9.93
N THR C 179 -36.65 -5.46 10.57
CA THR C 179 -36.49 -4.12 10.00
C THR C 179 -35.57 -3.32 10.89
N SER C 180 -34.41 -2.91 10.36
CA SER C 180 -33.48 -2.11 11.15
C SER C 180 -32.51 -1.39 10.22
N SER C 181 -32.09 -0.21 10.68
CA SER C 181 -31.07 0.55 9.98
C SER C 181 -29.77 -0.25 9.92
N THR C 182 -29.07 -0.13 8.79
CA THR C 182 -27.84 -0.87 8.56
C THR C 182 -26.78 0.06 8.00
N VAL C 183 -25.52 -0.31 8.23
CA VAL C 183 -24.37 0.48 7.79
C VAL C 183 -23.48 -0.44 6.95
N PRO C 184 -22.44 0.08 6.28
CA PRO C 184 -21.43 -0.82 5.70
C PRO C 184 -20.54 -1.40 6.79
N GLY C 185 -20.33 -2.70 6.73
CA GLY C 185 -19.51 -3.37 7.73
C GLY C 185 -20.13 -3.37 9.11
N ASP C 186 -21.16 -4.20 9.30
CA ASP C 186 -21.81 -4.35 10.59
C ASP C 186 -21.94 -5.84 10.93
N GLN C 187 -21.89 -6.13 12.22
CA GLN C 187 -21.78 -7.50 12.73
C GLN C 187 -22.94 -7.78 13.67
N THR C 188 -23.67 -8.87 13.42
CA THR C 188 -24.82 -9.24 14.21
C THR C 188 -24.54 -10.49 15.04
N ALA C 189 -25.24 -10.59 16.16
CA ALA C 189 -25.23 -11.78 17.00
C ALA C 189 -26.62 -11.93 17.60
N ALA C 190 -27.21 -13.11 17.46
CA ALA C 190 -28.61 -13.31 17.78
C ALA C 190 -28.78 -14.35 18.89
N THR C 191 -29.80 -14.14 19.72
CA THR C 191 -30.16 -15.06 20.79
C THR C 191 -31.68 -15.17 20.85
N SER C 192 -32.16 -16.30 21.34
CA SER C 192 -33.60 -16.53 21.45
C SER C 192 -33.87 -17.52 22.57
N TRP C 193 -35.10 -17.48 23.08
CA TRP C 193 -35.52 -18.33 24.17
C TRP C 193 -37.03 -18.36 24.23
N GLY C 194 -37.55 -19.20 25.12
CA GLY C 194 -38.97 -19.23 25.41
C GLY C 194 -39.80 -19.98 24.40
N THR C 195 -41.08 -20.08 24.70
CA THR C 195 -42.05 -20.76 23.84
C THR C 195 -42.82 -19.80 22.95
N VAL C 196 -42.64 -18.49 23.11
CA VAL C 196 -43.47 -17.51 22.40
C VAL C 196 -43.00 -17.28 20.97
N PRO C 197 -41.69 -17.30 20.64
CA PRO C 197 -40.39 -17.32 21.32
C PRO C 197 -39.66 -15.97 21.18
N SER C 198 -39.23 -15.40 22.29
CA SER C 198 -38.57 -14.10 22.24
C SER C 198 -37.21 -14.21 21.57
N ILE C 199 -36.93 -13.27 20.67
CA ILE C 199 -35.65 -13.20 19.95
C ILE C 199 -35.03 -11.84 20.22
N ARG C 200 -33.72 -11.82 20.41
CA ARG C 200 -32.97 -10.58 20.59
C ARG C 200 -31.80 -10.57 19.62
N VAL C 201 -31.72 -9.55 18.78
CA VAL C 201 -30.70 -9.44 17.74
C VAL C 201 -29.89 -8.18 17.99
N TYR C 202 -28.57 -8.32 18.05
CA TYR C 202 -27.67 -7.22 18.37
C TYR C 202 -26.83 -6.90 17.15
N THR C 203 -26.95 -5.66 16.66
CA THR C 203 -26.23 -5.18 15.49
C THR C 203 -25.22 -4.13 15.92
N ALA C 204 -23.96 -4.32 15.52
CA ALA C 204 -22.86 -3.42 15.88
C ALA C 204 -22.57 -2.53 14.68
N ASN C 205 -23.15 -1.33 14.68
CA ASN C 205 -22.93 -0.34 13.63
C ASN C 205 -21.92 0.69 14.11
N ASN C 206 -20.77 0.75 13.44
CA ASN C 206 -19.80 1.83 13.64
C ASN C 206 -19.29 1.90 15.08
N GLY C 207 -19.17 0.73 15.72
CA GLY C 207 -18.86 0.68 17.14
C GLY C 207 -20.05 0.79 18.06
N LYS C 208 -21.24 1.07 17.52
CA LYS C 208 -22.46 1.21 18.30
C LYS C 208 -23.28 -0.06 18.14
N ILE C 209 -23.59 -0.72 19.26
CA ILE C 209 -24.30 -2.00 19.25
C ILE C 209 -25.76 -1.75 19.59
N THR C 210 -26.64 -2.03 18.65
CA THR C 210 -28.07 -1.76 18.79
C THR C 210 -28.82 -3.07 19.05
N GLU C 211 -29.74 -3.04 20.01
CA GLU C 211 -30.60 -4.18 20.30
C GLU C 211 -31.92 -4.03 19.55
N ARG C 212 -32.38 -5.14 18.98
CA ARG C 212 -33.70 -5.19 18.34
C ARG C 212 -34.43 -6.41 18.86
N CYS C 213 -35.58 -6.20 19.49
CA CYS C 213 -36.27 -7.22 20.27
C CYS C 213 -37.51 -7.68 19.52
N TRP C 214 -37.72 -9.00 19.52
CA TRP C 214 -38.98 -9.59 19.06
C TRP C 214 -39.54 -10.40 20.23
N ASP C 215 -40.70 -9.97 20.74
CA ASP C 215 -41.37 -10.66 21.83
C ASP C 215 -42.59 -11.43 21.34
N GLY C 216 -42.66 -11.73 20.05
CA GLY C 216 -43.86 -12.26 19.46
C GLY C 216 -44.92 -11.20 19.15
N LYS C 217 -44.73 -9.97 19.61
CA LYS C 217 -45.71 -8.91 19.43
C LYS C 217 -44.98 -7.61 19.05
N GLY C 218 -44.31 -7.62 17.92
CA GLY C 218 -43.69 -6.40 17.42
C GLY C 218 -42.17 -6.43 17.52
N TRP C 219 -41.53 -5.85 16.51
CA TRP C 219 -40.07 -5.68 16.48
C TRP C 219 -39.74 -4.33 17.09
N TYR C 220 -39.51 -4.31 18.40
CA TYR C 220 -39.24 -3.07 19.12
C TYR C 220 -37.78 -3.01 19.54
N THR C 221 -37.20 -1.81 19.46
CA THR C 221 -35.81 -1.61 19.87
C THR C 221 -35.68 -1.77 21.38
N GLY C 222 -34.65 -2.52 21.81
CA GLY C 222 -34.39 -2.69 23.22
C GLY C 222 -33.53 -1.58 23.79
N ALA C 223 -33.61 -1.42 25.12
CA ALA C 223 -32.92 -0.35 25.82
C ALA C 223 -31.39 -0.50 25.77
N PHE C 224 -30.87 -1.60 25.25
CA PHE C 224 -29.43 -1.81 25.24
C PHE C 224 -28.76 -0.91 24.21
N ASN C 225 -27.67 -0.27 24.62
CA ASN C 225 -26.89 0.63 23.76
C ASN C 225 -25.52 0.87 24.37
N GLU C 226 -24.51 0.17 23.89
CA GLU C 226 -23.16 0.25 24.44
C GLU C 226 -22.13 0.28 23.31
N PRO C 227 -20.95 0.85 23.55
CA PRO C 227 -19.95 0.92 22.47
C PRO C 227 -19.27 -0.41 22.26
N GLY C 228 -19.07 -0.76 20.99
CA GLY C 228 -18.44 -2.02 20.64
C GLY C 228 -18.32 -2.29 19.15
N ASP C 229 -17.11 -2.62 18.69
CA ASP C 229 -16.89 -2.97 17.30
C ASP C 229 -17.42 -4.35 16.93
N ASN C 230 -17.61 -5.23 17.92
CA ASN C 230 -18.09 -6.58 17.65
C ASN C 230 -18.79 -7.11 18.90
N VAL C 231 -19.78 -7.97 18.67
CA VAL C 231 -20.72 -8.39 19.71
C VAL C 231 -21.02 -9.87 19.58
N SER C 232 -21.06 -10.57 20.71
CA SER C 232 -21.56 -11.93 20.79
C SER C 232 -22.54 -12.02 21.95
N VAL C 233 -23.50 -12.93 21.84
CA VAL C 233 -24.62 -12.98 22.78
C VAL C 233 -24.95 -14.43 23.11
N THR C 234 -25.35 -14.66 24.36
CA THR C 234 -25.89 -15.94 24.79
C THR C 234 -26.88 -15.68 25.92
N SER C 235 -27.89 -16.52 26.01
CA SER C 235 -28.93 -16.30 27.01
C SER C 235 -29.44 -17.63 27.52
N TRP C 236 -30.11 -17.57 28.67
CA TRP C 236 -30.73 -18.74 29.28
C TRP C 236 -31.85 -18.25 30.19
N LEU C 237 -32.85 -19.10 30.38
CA LEU C 237 -33.97 -18.78 31.23
C LEU C 237 -33.80 -19.49 32.57
N VAL C 238 -34.38 -18.92 33.62
CA VAL C 238 -34.35 -19.49 34.97
C VAL C 238 -35.80 -19.46 35.46
N GLY C 239 -36.51 -20.57 35.30
CA GLY C 239 -37.93 -20.60 35.55
C GLY C 239 -38.68 -19.70 34.60
N SER C 240 -39.30 -18.65 35.13
CA SER C 240 -39.93 -17.61 34.32
C SER C 240 -39.02 -16.40 34.12
N ALA C 241 -37.77 -16.48 34.56
CA ALA C 241 -36.83 -15.36 34.54
C ALA C 241 -35.77 -15.56 33.48
N ILE C 242 -35.43 -14.48 32.78
CA ILE C 242 -34.44 -14.49 31.71
C ILE C 242 -33.15 -13.83 32.18
N HIS C 243 -32.03 -14.45 31.83
CA HIS C 243 -30.71 -13.85 32.03
C HIS C 243 -29.97 -13.86 30.70
N ILE C 244 -29.37 -12.72 30.35
CA ILE C 244 -28.72 -12.52 29.06
C ILE C 244 -27.31 -12.02 29.30
N ARG C 245 -26.35 -12.57 28.54
CA ARG C 245 -24.97 -12.11 28.55
C ARG C 245 -24.55 -11.70 27.15
N VAL C 246 -24.06 -10.47 27.01
CA VAL C 246 -23.65 -9.90 25.73
C VAL C 246 -22.22 -9.40 25.88
N TYR C 247 -21.36 -9.78 24.93
CA TYR C 247 -19.93 -9.49 25.02
C TYR C 247 -19.53 -8.56 23.88
N ALA C 248 -19.26 -7.31 24.22
CA ALA C 248 -18.85 -6.28 23.27
C ALA C 248 -17.33 -6.15 23.25
N SER C 249 -16.79 -5.93 22.04
CA SER C 249 -15.34 -5.87 21.87
C SER C 249 -14.98 -4.73 20.91
N THR C 250 -14.11 -3.84 21.37
CA THR C 250 -13.52 -2.80 20.54
C THR C 250 -12.01 -2.90 20.68
N GLY C 251 -11.31 -3.17 19.59
CA GLY C 251 -9.89 -3.43 19.65
C GLY C 251 -9.63 -4.76 20.33
N THR C 252 -8.85 -4.75 21.41
CA THR C 252 -8.70 -5.91 22.28
C THR C 252 -9.33 -5.68 23.65
N THR C 253 -10.27 -4.74 23.75
CA THR C 253 -10.99 -4.43 24.97
C THR C 253 -12.35 -5.12 24.92
N THR C 254 -12.56 -6.10 25.79
CA THR C 254 -13.80 -6.87 25.84
C THR C 254 -14.50 -6.61 27.16
N THR C 255 -15.66 -5.97 27.10
CA THR C 255 -16.49 -5.71 28.26
C THR C 255 -17.79 -6.49 28.14
N GLU C 256 -18.21 -7.09 29.24
CA GLU C 256 -19.43 -7.87 29.29
C GLU C 256 -20.61 -6.98 29.69
N TRP C 257 -21.82 -7.46 29.41
CA TRP C 257 -23.04 -6.72 29.73
C TRP C 257 -24.12 -7.73 30.14
N CYS C 258 -24.61 -7.61 31.36
CA CYS C 258 -25.52 -8.59 31.95
C CYS C 258 -26.94 -8.05 32.06
N TRP C 259 -27.91 -8.87 31.68
CA TRP C 259 -29.32 -8.63 31.96
C TRP C 259 -29.77 -9.71 32.94
N ASP C 260 -29.93 -9.33 34.20
CA ASP C 260 -30.34 -10.26 35.25
C ASP C 260 -31.78 -10.02 35.69
N GLY C 261 -32.58 -9.38 34.86
CA GLY C 261 -33.91 -8.95 35.24
C GLY C 261 -33.97 -7.58 35.90
N ASN C 262 -32.83 -7.02 36.27
CA ASN C 262 -32.74 -5.73 36.94
C ASN C 262 -31.86 -4.79 36.12
N GLY C 263 -32.31 -4.47 34.91
CA GLY C 263 -31.57 -3.56 34.06
C GLY C 263 -30.25 -4.13 33.58
N TRP C 264 -29.56 -3.31 32.78
CA TRP C 264 -28.29 -3.68 32.18
C TRP C 264 -27.16 -3.29 33.13
N THR C 265 -26.37 -4.27 33.55
CA THR C 265 -25.27 -4.08 34.49
C THR C 265 -23.96 -4.49 33.83
N LYS C 266 -22.91 -3.73 34.09
CA LYS C 266 -21.62 -4.01 33.47
C LYS C 266 -21.05 -5.31 34.03
N GLY C 267 -20.68 -6.22 33.14
CA GLY C 267 -20.29 -7.55 33.54
C GLY C 267 -18.92 -7.60 34.18
N ALA C 268 -18.62 -8.76 34.77
CA ALA C 268 -17.36 -9.01 35.46
C ALA C 268 -16.36 -9.76 34.59
N TYR C 269 -16.51 -9.68 33.27
CA TYR C 269 -15.59 -10.36 32.37
C TYR C 269 -14.20 -9.74 32.45
N THR C 270 -13.18 -10.59 32.53
CA THR C 270 -11.79 -10.16 32.54
C THR C 270 -11.14 -10.51 31.20
N ALA C 271 -10.26 -9.63 30.74
CA ALA C 271 -9.62 -9.84 29.44
C ALA C 271 -8.56 -10.94 29.52
N THR C 272 -7.55 -10.74 30.35
CA THR C 272 -6.45 -11.68 30.51
C THR C 272 -5.81 -12.04 29.17
#